data_7ZOX
#
_entry.id   7ZOX
#
_cell.length_a   1.00
_cell.length_b   1.00
_cell.length_c   1.00
_cell.angle_alpha   90.00
_cell.angle_beta   90.00
_cell.angle_gamma   90.00
#
_symmetry.space_group_name_H-M   'P 1'
#
loop_
_entity.id
_entity.type
_entity.pdbx_description
1 polymer 'Nuclear pore complex protein Nup93'
2 polymer xhNup93-Nb4i
3 polymer xNup93-Nb2t
#
loop_
_entity_poly.entity_id
_entity_poly.type
_entity_poly.pdbx_seq_one_letter_code
_entity_poly.pdbx_strand_id
1 'polypeptide(L)'
;SESGAPGRSSLDNVEMAYARQMYMYNEKVVSGHLQPSLVDLCTEAAERLDDKNVSDLWVMVKQMTDVPLIPASDTLKSRC
SGQMQMAFVRQALNYLEQSYKNYTLISVFANLQQAQLGGVPGTYNLVRSFLNIRLPTPIPGLQDGEIEGYPVWALIYYCM
RCGDLMAAQQVVNRAQHQLGDFKNCFQEYIHNKDRRLSPTTENKLRLHYRRAVRASTDPYKRAVYCIIGRCDVSDNHSEV
ADKTEDYLWLKLSQVCFEDEANSSPQDRLTLPQFQKQLFEDYGESHFAVNQQPYLYFQVLFLTAQFEAAIAFLFRLERTR
CHAVHVALALFELKLLLKSTGQSAQLLSQEPGEPQGVRRLNFIRLLMLYTRKFEPTDPREALQYFYFLRNEKDNQGESMF
LRCVSELVIESREFDMLLGKLEKDGSRKPGAIDKFTRDTKTIINKVASVAENKGLFEEAAKLYDLAKNPDKVLELTNKLL
SPVVSQISAPQSNRERLKNMALAIAERYKSQGVSAEKSINSTFYLLLDLITFFDEYHAGHIDLSFDVIERLKLVPLSQDS
VEERVAAFRNFSDEIRHNLSEILLATMNILFTQYKRLKGSGPTTLGRPQRVQEDKDSVLRSQARALITFAGMIPYRMSGD
TNARLVQMEVLMN
;
A
2 'polypeptide(L)'
;GQVQLVESGGGVVQTGDSLMLSCTVSGHTIDNWAMGWFRQTPRKQREFVAAIDKRGTGAIYGNSVKGRFTVSRDNAKNMV
YLRMNSLKPEDTAVYFCAVDQLNAGLGDVSYDYDYWGQGTQVTVSS
;
B
3 'polypeptide(L)'
;GDVQLVESGGGLVQPGGSLRLSCVASGFTFSRVGMGWVRQAPGKGLEWVSDINASGGTGYADSVKGRFAISRDNAKNTLY
LQMNRLKPEDTAVYYCAKMMDTAMIEAGIIKPAGQGTQVTVSS
;
C
#
# COMPACT_ATOMS: atom_id res chain seq x y z
N SER A 10 -8.66 11.16 -6.29
CA SER A 10 -7.42 11.18 -7.04
C SER A 10 -6.58 12.39 -6.66
N LEU A 11 -6.14 13.14 -7.67
CA LEU A 11 -5.24 14.26 -7.47
C LEU A 11 -5.96 15.60 -7.63
N ASP A 12 -5.43 16.60 -6.96
CA ASP A 12 -5.80 17.99 -7.17
C ASP A 12 -4.74 18.67 -8.01
N ASN A 13 -5.12 19.79 -8.63
CA ASN A 13 -4.17 20.55 -9.44
C ASN A 13 -2.95 20.93 -8.61
N VAL A 14 -3.15 21.35 -7.36
CA VAL A 14 -2.02 21.63 -6.49
C VAL A 14 -1.24 20.36 -6.21
N GLU A 15 -1.95 19.27 -5.93
CA GLU A 15 -1.29 18.00 -5.64
C GLU A 15 -0.49 17.52 -6.84
N MET A 16 -1.10 17.51 -8.03
CA MET A 16 -0.36 17.09 -9.21
C MET A 16 0.74 18.08 -9.58
N ALA A 17 0.61 19.35 -9.19
CA ALA A 17 1.67 20.31 -9.44
C ALA A 17 2.89 19.99 -8.60
N TYR A 18 2.70 19.92 -7.28
CA TYR A 18 3.76 19.42 -6.41
C TYR A 18 4.32 18.11 -6.93
N ALA A 19 3.45 17.22 -7.42
CA ALA A 19 3.88 15.93 -7.92
C ALA A 19 4.87 16.09 -9.08
N ARG A 20 4.45 16.79 -10.13
CA ARG A 20 5.32 17.06 -11.26
C ARG A 20 6.66 17.64 -10.80
N GLN A 21 6.61 18.53 -9.81
CA GLN A 21 7.87 19.08 -9.30
C GLN A 21 8.72 18.00 -8.65
N MET A 22 8.08 17.03 -7.99
CA MET A 22 8.83 15.92 -7.42
C MET A 22 9.46 15.08 -8.50
N TYR A 23 8.70 14.79 -9.55
CA TYR A 23 9.26 14.17 -10.75
C TYR A 23 10.55 14.88 -11.15
N MET A 24 10.49 16.22 -11.21
CA MET A 24 11.64 16.98 -11.66
C MET A 24 12.81 16.83 -10.70
N TYR A 25 12.56 16.90 -9.40
CA TYR A 25 13.66 16.77 -8.47
C TYR A 25 14.30 15.39 -8.56
N ASN A 26 13.48 14.36 -8.75
CA ASN A 26 14.04 13.01 -8.87
C ASN A 26 14.86 12.88 -10.14
N GLU A 27 14.31 13.33 -11.27
CA GLU A 27 15.09 13.36 -12.51
C GLU A 27 16.36 14.18 -12.34
N LYS A 28 16.41 15.07 -11.35
CA LYS A 28 17.65 15.78 -11.04
C LYS A 28 18.63 14.88 -10.28
N VAL A 29 18.21 14.36 -9.13
CA VAL A 29 19.13 13.60 -8.28
C VAL A 29 19.60 12.32 -8.96
N VAL A 30 18.80 11.73 -9.85
CA VAL A 30 19.19 10.50 -10.52
C VAL A 30 20.03 10.76 -11.76
N SER A 31 20.18 12.01 -12.18
CA SER A 31 20.93 12.35 -13.39
C SER A 31 22.34 12.83 -13.11
N GLY A 32 22.67 13.13 -11.85
CA GLY A 32 24.00 13.58 -11.52
C GLY A 32 24.23 15.04 -11.84
N HIS A 33 23.18 15.85 -11.69
CA HIS A 33 23.29 17.30 -11.84
C HIS A 33 23.35 17.93 -10.46
N LEU A 34 24.08 19.03 -10.34
CA LEU A 34 23.99 19.86 -9.15
C LEU A 34 22.91 20.91 -9.38
N GLN A 35 21.88 20.89 -8.56
CA GLN A 35 20.64 21.60 -8.81
C GLN A 35 20.19 22.30 -7.54
N PRO A 36 19.27 23.26 -7.67
CA PRO A 36 18.67 23.86 -6.47
C PRO A 36 17.87 22.80 -5.72
N SER A 37 18.04 22.78 -4.40
CA SER A 37 17.34 21.78 -3.59
C SER A 37 15.85 22.07 -3.54
N LEU A 38 15.11 21.15 -2.93
CA LEU A 38 13.65 21.22 -2.89
C LEU A 38 13.13 22.61 -2.60
N VAL A 39 13.63 23.21 -1.52
CA VAL A 39 13.05 24.45 -1.02
C VAL A 39 12.97 25.49 -2.12
N ASP A 40 13.93 25.48 -3.04
CA ASP A 40 13.94 26.48 -4.11
C ASP A 40 12.81 26.24 -5.11
N LEU A 41 12.72 25.02 -5.62
CA LEU A 41 11.64 24.67 -6.53
C LEU A 41 10.29 24.98 -5.90
N CYS A 42 10.07 24.50 -4.68
CA CYS A 42 8.78 24.73 -4.03
C CYS A 42 8.52 26.22 -3.84
N THR A 43 9.56 26.98 -3.50
CA THR A 43 9.39 28.42 -3.36
C THR A 43 8.87 29.03 -4.65
N GLU A 44 9.52 28.73 -5.77
CA GLU A 44 9.05 29.27 -7.04
C GLU A 44 7.70 28.67 -7.44
N ALA A 45 7.30 27.57 -6.82
CA ALA A 45 6.06 26.90 -7.20
C ALA A 45 4.88 27.51 -6.47
N ALA A 46 5.01 28.76 -6.04
CA ALA A 46 3.90 29.51 -5.47
C ALA A 46 3.42 30.60 -6.41
N GLU A 47 4.19 30.94 -7.45
CA GLU A 47 3.76 31.87 -8.48
C GLU A 47 3.52 31.21 -9.81
N ARG A 48 3.87 29.93 -9.98
CA ARG A 48 3.44 29.19 -11.16
C ARG A 48 1.92 29.02 -11.16
N LEU A 49 1.35 28.72 -10.01
CA LEU A 49 -0.08 28.81 -9.78
C LEU A 49 -0.35 30.00 -8.85
N ASP A 50 -1.53 30.59 -9.00
CA ASP A 50 -1.85 31.78 -8.23
C ASP A 50 -2.26 31.42 -6.81
N ASP A 51 -1.69 32.12 -5.85
CA ASP A 51 -1.96 31.89 -4.44
C ASP A 51 -1.61 33.15 -3.68
N LYS A 52 -1.87 33.14 -2.39
CA LYS A 52 -1.36 34.24 -1.59
C LYS A 52 -0.60 33.77 -0.35
N ASN A 53 -1.06 32.69 0.29
CA ASN A 53 -0.53 32.30 1.57
C ASN A 53 0.62 31.31 1.45
N VAL A 54 0.45 30.30 0.60
CA VAL A 54 1.48 29.29 0.41
C VAL A 54 2.81 29.95 0.08
N SER A 55 2.76 31.02 -0.71
CA SER A 55 3.96 31.80 -0.98
C SER A 55 4.61 32.25 0.32
N ASP A 56 3.80 32.78 1.25
CA ASP A 56 4.36 33.29 2.50
C ASP A 56 4.95 32.16 3.33
N LEU A 57 4.22 31.04 3.43
CA LEU A 57 4.74 29.88 4.15
C LEU A 57 6.10 29.46 3.61
N TRP A 58 6.21 29.34 2.29
CA TRP A 58 7.47 28.88 1.71
C TRP A 58 8.57 29.91 1.88
N VAL A 59 8.23 31.19 1.82
CA VAL A 59 9.20 32.23 2.14
C VAL A 59 9.79 31.99 3.51
N MET A 60 8.91 31.75 4.49
CA MET A 60 9.37 31.49 5.84
C MET A 60 10.26 30.27 5.89
N VAL A 61 9.84 29.20 5.24
CA VAL A 61 10.63 27.96 5.27
C VAL A 61 12.02 28.20 4.71
N LYS A 62 12.10 28.78 3.51
CA LYS A 62 13.39 29.05 2.89
C LYS A 62 14.26 29.89 3.81
N GLN A 63 13.71 31.00 4.30
CA GLN A 63 14.53 31.89 5.13
C GLN A 63 14.97 31.20 6.41
N MET A 64 14.18 30.23 6.89
CA MET A 64 14.50 29.57 8.15
C MET A 64 15.46 28.41 7.95
N THR A 65 15.61 27.92 6.73
CA THR A 65 16.52 26.82 6.48
C THR A 65 17.90 27.26 6.00
N ASP A 66 18.06 28.53 5.63
CA ASP A 66 19.37 29.06 5.26
C ASP A 66 20.19 29.28 6.51
N VAL A 67 20.66 28.18 7.09
CA VAL A 67 21.47 28.22 8.30
C VAL A 67 22.76 27.48 8.03
N PRO A 68 23.77 27.66 8.89
CA PRO A 68 24.95 26.81 8.78
C PRO A 68 24.59 25.38 9.12
N LEU A 69 24.59 24.53 8.10
CA LEU A 69 24.00 23.21 8.19
C LEU A 69 24.89 22.28 9.01
N ILE A 70 24.47 22.04 10.26
CA ILE A 70 25.07 21.04 11.12
C ILE A 70 26.58 21.22 11.19
N PRO A 71 27.09 22.20 11.92
CA PRO A 71 28.54 22.28 12.19
C PRO A 71 29.01 21.16 13.11
N ALA A 72 28.66 19.92 12.74
CA ALA A 72 28.96 18.75 13.55
C ALA A 72 28.86 17.52 12.66
N SER A 73 28.79 16.34 13.27
CA SER A 73 28.69 15.09 12.51
C SER A 73 27.37 14.38 12.76
N ASP A 74 26.50 14.95 13.59
CA ASP A 74 25.27 14.29 13.99
C ASP A 74 24.16 15.32 14.08
N THR A 75 22.98 14.95 13.61
CA THR A 75 21.86 15.88 13.56
C THR A 75 21.41 16.29 14.96
N LEU A 76 21.44 15.37 15.92
CA LEU A 76 21.02 15.73 17.27
C LEU A 76 21.96 16.76 17.88
N LYS A 77 23.26 16.56 17.72
CA LYS A 77 24.25 17.52 18.21
C LYS A 77 23.93 18.91 17.69
N SER A 78 23.79 19.04 16.37
CA SER A 78 23.44 20.32 15.78
C SER A 78 22.16 20.88 16.38
N ARG A 79 21.07 20.14 16.24
CA ARG A 79 19.77 20.67 16.66
C ARG A 79 19.65 20.79 18.15
N CYS A 80 20.69 20.51 18.93
CA CYS A 80 20.64 20.86 20.35
C CYS A 80 21.84 21.70 20.80
N SER A 81 22.71 22.15 19.90
CA SER A 81 23.80 23.02 20.28
C SER A 81 23.31 24.46 20.39
N GLY A 82 23.93 25.22 21.29
CA GLY A 82 23.49 26.59 21.52
C GLY A 82 23.60 27.47 20.29
N GLN A 83 24.76 27.43 19.61
CA GLN A 83 24.97 28.30 18.46
C GLN A 83 23.98 28.00 17.35
N MET A 84 23.56 26.75 17.23
CA MET A 84 22.53 26.41 16.26
C MET A 84 21.24 27.17 16.53
N GLN A 85 20.78 27.13 17.79
CA GLN A 85 19.58 27.89 18.14
C GLN A 85 19.80 29.38 17.98
N MET A 86 21.03 29.87 18.17
CA MET A 86 21.30 31.27 17.87
C MET A 86 21.03 31.56 16.40
N ALA A 87 21.52 30.68 15.52
CA ALA A 87 21.25 30.85 14.10
C ALA A 87 19.76 30.84 13.82
N PHE A 88 19.03 29.91 14.44
CA PHE A 88 17.59 29.83 14.23
C PHE A 88 16.90 31.11 14.64
N VAL A 89 17.19 31.60 15.85
CA VAL A 89 16.50 32.79 16.32
C VAL A 89 16.87 34.00 15.48
N ARG A 90 18.12 34.06 15.00
CA ARG A 90 18.50 35.19 14.16
C ARG A 90 17.71 35.20 12.87
N GLN A 91 17.70 34.07 12.16
CA GLN A 91 16.93 33.98 10.93
C GLN A 91 15.47 34.28 11.18
N ALA A 92 14.91 33.73 12.27
CA ALA A 92 13.51 33.94 12.59
C ALA A 92 13.20 35.41 12.77
N LEU A 93 13.93 36.07 13.68
CA LEU A 93 13.75 37.50 13.88
C LEU A 93 13.79 38.25 12.57
N ASN A 94 14.83 38.01 11.76
CA ASN A 94 14.93 38.76 10.51
C ASN A 94 13.71 38.54 9.63
N TYR A 95 13.19 37.32 9.61
CA TYR A 95 11.99 37.07 8.80
C TYR A 95 10.82 37.88 9.33
N LEU A 96 10.52 37.75 10.62
CA LEU A 96 9.41 38.50 11.19
C LEU A 96 9.54 39.99 10.89
N GLU A 97 10.76 40.52 11.01
CA GLU A 97 10.95 41.95 10.87
C GLU A 97 10.75 42.39 9.42
N GLN A 98 11.33 41.66 8.46
CA GLN A 98 11.09 42.00 7.06
C GLN A 98 9.62 41.84 6.68
N SER A 99 8.96 40.83 7.24
CA SER A 99 7.54 40.65 7.02
C SER A 99 6.77 41.88 7.45
N TYR A 100 6.93 42.28 8.71
CA TYR A 100 6.23 43.45 9.21
C TYR A 100 6.59 44.70 8.42
N LYS A 101 7.83 44.79 7.96
CA LYS A 101 8.25 45.91 7.14
C LYS A 101 7.41 46.00 5.87
N ASN A 102 7.30 44.89 5.14
CA ASN A 102 6.44 44.87 3.96
C ASN A 102 5.00 45.20 4.32
N TYR A 103 4.50 44.59 5.40
CA TYR A 103 3.12 44.81 5.83
C TYR A 103 2.82 46.29 5.97
N THR A 104 3.63 47.00 6.74
CA THR A 104 3.39 48.43 6.93
C THR A 104 3.63 49.21 5.65
N LEU A 105 4.77 48.96 5.00
CA LEU A 105 5.15 49.71 3.80
C LEU A 105 4.06 49.65 2.75
N ILE A 106 3.28 48.58 2.71
CA ILE A 106 2.20 48.49 1.74
C ILE A 106 0.89 49.01 2.32
N SER A 107 0.50 48.53 3.50
CA SER A 107 -0.76 48.95 4.10
C SER A 107 -0.84 50.46 4.30
N VAL A 108 0.31 51.12 4.49
CA VAL A 108 0.32 52.56 4.60
C VAL A 108 -0.23 53.21 3.34
N PHE A 109 -0.21 52.51 2.21
CA PHE A 109 -0.79 53.01 0.98
C PHE A 109 -2.22 52.49 0.82
N GLY A 122 11.18 58.08 3.57
CA GLY A 122 11.56 56.69 3.63
C GLY A 122 11.23 56.04 4.96
N THR A 123 11.92 54.94 5.25
CA THR A 123 11.74 54.21 6.50
C THR A 123 11.60 55.12 7.71
N TYR A 124 12.56 56.04 7.86
CA TYR A 124 12.56 56.97 8.98
C TYR A 124 11.23 57.73 9.05
N ASN A 125 10.71 58.16 7.91
CA ASN A 125 9.40 58.79 7.87
C ASN A 125 8.28 57.81 7.59
N LEU A 126 8.59 56.60 7.13
CA LEU A 126 7.57 55.56 7.01
C LEU A 126 6.98 55.25 8.37
N VAL A 127 7.85 54.89 9.33
CA VAL A 127 7.40 54.65 10.69
C VAL A 127 6.68 55.87 11.24
N ARG A 128 7.15 57.06 10.86
CA ARG A 128 6.52 58.30 11.34
C ARG A 128 5.08 58.40 10.85
N SER A 129 4.87 58.17 9.56
CA SER A 129 3.53 58.23 9.00
C SER A 129 2.63 57.16 9.60
N PHE A 130 3.16 55.95 9.76
CA PHE A 130 2.38 54.90 10.42
C PHE A 130 1.95 55.31 11.81
N LEU A 131 2.87 55.90 12.58
CA LEU A 131 2.50 56.47 13.88
C LEU A 131 1.37 57.48 13.74
N ASN A 132 1.51 58.38 12.76
CA ASN A 132 0.48 59.41 12.57
C ASN A 132 -0.86 58.79 12.23
N ILE A 133 -0.87 57.68 11.50
CA ILE A 133 -2.11 57.03 11.12
C ILE A 133 -2.40 55.91 12.11
N ARG A 134 -1.72 55.92 13.26
CA ARG A 134 -2.07 55.01 14.34
C ARG A 134 -2.63 55.76 15.54
N LEU A 135 -1.87 56.72 16.05
CA LEU A 135 -2.23 57.41 17.28
C LEU A 135 -1.79 58.86 17.22
N PRO A 136 -2.72 59.83 17.24
CA PRO A 136 -2.46 61.27 17.22
C PRO A 136 -2.62 61.91 18.61
N GLY A 141 0.12 59.21 30.27
CA GLY A 141 1.34 60.00 30.32
C GLY A 141 2.37 59.59 29.29
N LEU A 142 3.14 60.58 28.81
CA LEU A 142 4.15 60.36 27.79
C LEU A 142 5.50 60.82 28.33
N GLN A 143 6.44 59.88 28.41
CA GLN A 143 7.76 60.16 28.95
C GLN A 143 8.70 60.64 27.85
N ASP A 144 9.60 61.55 28.21
CA ASP A 144 10.71 61.97 27.36
C ASP A 144 10.22 62.65 26.09
N GLY A 145 8.99 63.17 26.15
CA GLY A 145 8.45 64.05 25.13
C GLY A 145 8.52 63.50 23.71
N GLU A 146 8.66 64.43 22.77
CA GLU A 146 8.65 64.14 21.35
C GLU A 146 9.89 64.71 20.67
N ILE A 147 10.09 64.28 19.43
CA ILE A 147 10.99 64.91 18.48
C ILE A 147 10.23 65.04 17.17
N GLU A 148 10.45 66.15 16.46
CA GLU A 148 9.69 66.52 15.26
C GLU A 148 8.20 66.30 15.45
N GLY A 149 7.73 66.47 16.68
CA GLY A 149 6.33 66.28 16.98
C GLY A 149 5.87 64.84 16.98
N TYR A 150 6.71 63.91 17.46
CA TYR A 150 6.35 62.51 17.56
C TYR A 150 6.97 61.89 18.79
N PRO A 151 6.19 61.21 19.63
CA PRO A 151 6.72 60.70 20.90
C PRO A 151 7.89 59.77 20.67
N VAL A 152 8.99 60.04 21.38
CA VAL A 152 10.27 59.42 21.05
C VAL A 152 10.22 57.92 21.30
N TRP A 153 9.55 57.49 22.37
CA TRP A 153 9.59 56.08 22.74
C TRP A 153 8.89 55.22 21.70
N ALA A 154 7.72 55.66 21.24
CA ALA A 154 7.04 54.94 20.16
C ALA A 154 7.91 54.88 18.91
N LEU A 155 8.55 56.00 18.57
CA LEU A 155 9.46 56.03 17.43
C LEU A 155 10.54 54.95 17.58
N ILE A 156 11.21 54.94 18.72
CA ILE A 156 12.29 53.97 18.95
C ILE A 156 11.77 52.55 18.82
N TYR A 157 10.66 52.25 19.52
CA TYR A 157 10.13 50.90 19.49
C TYR A 157 9.82 50.46 18.06
N TYR A 158 8.95 51.20 17.39
CA TYR A 158 8.50 50.79 16.07
C TYR A 158 9.63 50.78 15.04
N CYS A 159 10.61 51.68 15.18
CA CYS A 159 11.70 51.63 14.22
C CYS A 159 12.64 50.48 14.50
N MET A 160 12.69 50.00 15.75
CA MET A 160 13.38 48.75 16.01
C MET A 160 12.58 47.56 15.51
N ARG A 161 11.24 47.68 15.56
CA ARG A 161 10.36 46.60 15.17
C ARG A 161 10.59 46.17 13.73
N CYS A 162 11.01 47.09 12.87
CA CYS A 162 11.33 46.72 11.50
C CYS A 162 12.73 46.15 11.36
N GLY A 163 13.45 45.98 12.47
CA GLY A 163 14.81 45.47 12.39
C GLY A 163 15.80 46.46 11.83
N ASP A 164 15.48 47.75 11.89
CA ASP A 164 16.36 48.80 11.41
C ASP A 164 16.87 49.59 12.61
N LEU A 165 18.16 49.49 12.88
CA LEU A 165 18.75 50.21 14.00
C LEU A 165 19.37 51.53 13.58
N MET A 166 19.79 51.67 12.33
CA MET A 166 20.37 52.93 11.89
C MET A 166 19.35 54.06 11.96
N ALA A 167 18.07 53.75 11.75
CA ALA A 167 17.04 54.75 11.99
C ALA A 167 16.92 55.04 13.48
N ALA A 168 16.95 54.00 14.31
CA ALA A 168 17.00 54.22 15.75
C ALA A 168 18.26 54.97 16.15
N GLN A 169 19.35 54.76 15.42
CA GLN A 169 20.57 55.52 15.66
C GLN A 169 20.36 57.00 15.34
N GLN A 170 19.72 57.29 14.20
CA GLN A 170 19.34 58.66 13.89
C GLN A 170 18.55 59.28 15.02
N VAL A 171 17.53 58.56 15.50
CA VAL A 171 16.68 59.09 16.56
C VAL A 171 17.50 59.37 17.82
N VAL A 172 18.25 58.37 18.29
CA VAL A 172 18.99 58.55 19.53
C VAL A 172 20.14 59.54 19.37
N ASN A 173 20.51 59.88 18.14
CA ASN A 173 21.39 61.03 17.94
C ASN A 173 20.63 62.32 18.12
N ARG A 174 19.47 62.46 17.45
CA ARG A 174 18.60 63.59 17.70
C ARG A 174 18.10 63.59 19.14
N ALA A 175 17.35 62.57 19.52
CA ALA A 175 16.83 62.46 20.88
C ALA A 175 17.96 61.99 21.80
N GLN A 176 18.66 62.94 22.42
CA GLN A 176 19.83 62.60 23.20
C GLN A 176 19.89 63.44 24.48
N HIS A 177 18.84 64.25 24.72
CA HIS A 177 18.89 65.23 25.80
C HIS A 177 18.04 64.84 26.99
N GLN A 178 17.34 63.72 26.91
CA GLN A 178 16.58 63.21 28.04
C GLN A 178 17.04 61.80 28.37
N LEU A 179 18.16 61.40 27.77
CA LEU A 179 18.78 60.10 28.02
C LEU A 179 20.29 60.26 28.00
N GLY A 180 20.97 59.14 27.84
CA GLY A 180 22.42 59.10 27.87
C GLY A 180 22.92 57.82 28.49
N ASP A 181 22.06 57.17 29.28
CA ASP A 181 22.28 55.77 29.62
C ASP A 181 21.77 54.87 28.50
N PHE A 182 20.58 55.16 27.99
CA PHE A 182 20.10 54.48 26.80
C PHE A 182 21.06 54.66 25.65
N LYS A 183 21.80 55.77 25.61
CA LYS A 183 22.75 56.01 24.52
C LYS A 183 23.78 54.90 24.43
N ASN A 184 24.64 54.77 25.45
CA ASN A 184 25.66 53.73 25.40
C ASN A 184 25.04 52.35 25.46
N CYS A 185 23.87 52.22 26.09
CA CYS A 185 23.12 50.97 26.06
C CYS A 185 22.92 50.51 24.63
N PHE A 186 22.23 51.33 23.84
CA PHE A 186 21.96 50.99 22.45
C PHE A 186 23.25 50.95 21.62
N GLN A 187 24.28 51.67 22.06
CA GLN A 187 25.58 51.59 21.39
C GLN A 187 26.12 50.17 21.47
N GLU A 188 26.42 49.72 22.68
CA GLU A 188 26.96 48.37 22.85
C GLU A 188 25.92 47.30 22.53
N TYR A 189 24.66 47.69 22.32
CA TYR A 189 23.70 46.76 21.75
C TYR A 189 24.04 46.43 20.31
N ILE A 190 24.54 47.41 19.56
CA ILE A 190 24.82 47.22 18.14
C ILE A 190 26.31 46.97 17.95
N HIS A 191 26.99 46.58 19.03
CA HIS A 191 28.41 46.28 18.96
C HIS A 191 28.70 44.79 19.07
N ASN A 192 27.82 44.02 19.70
CA ASN A 192 27.95 42.57 19.76
C ASN A 192 26.88 41.97 18.88
N LYS A 193 27.26 41.01 18.04
CA LYS A 193 26.34 40.42 17.08
C LYS A 193 25.36 39.46 17.73
N ASP A 194 25.60 39.05 18.97
CA ASP A 194 24.58 38.38 19.75
C ASP A 194 23.67 39.36 20.48
N ARG A 195 23.84 40.66 20.22
CA ARG A 195 23.00 41.71 20.80
C ARG A 195 23.04 41.68 22.32
N ARG A 196 24.07 41.04 22.89
CA ARG A 196 24.27 41.01 24.32
C ARG A 196 25.16 42.17 24.74
N LEU A 197 24.84 42.73 25.90
CA LEU A 197 25.56 43.83 26.49
C LEU A 197 26.62 43.27 27.44
N SER A 198 27.28 44.14 28.18
CA SER A 198 28.05 43.65 29.30
C SER A 198 27.09 43.06 30.35
N PRO A 199 27.52 42.03 31.06
CA PRO A 199 26.65 41.45 32.09
C PRO A 199 26.14 42.49 33.06
N THR A 200 27.06 43.22 33.68
CA THR A 200 26.65 44.27 34.61
C THR A 200 25.83 45.34 33.92
N THR A 201 25.99 45.51 32.61
CA THR A 201 25.14 46.43 31.87
C THR A 201 23.70 45.97 31.92
N GLU A 202 23.45 44.71 31.56
CA GLU A 202 22.09 44.19 31.63
C GLU A 202 21.56 44.24 33.05
N ASN A 203 22.44 44.01 34.03
CA ASN A 203 21.98 44.01 35.41
C ASN A 203 21.57 45.41 35.87
N LYS A 204 22.34 46.44 35.53
CA LYS A 204 21.94 47.78 35.90
C LYS A 204 20.73 48.24 35.09
N LEU A 205 20.58 47.75 33.86
CA LEU A 205 19.36 48.01 33.12
C LEU A 205 18.15 47.45 33.85
N ARG A 206 18.25 46.20 34.31
CA ARG A 206 17.15 45.61 35.08
C ARG A 206 16.87 46.39 36.35
N LEU A 207 17.94 46.81 37.04
CA LEU A 207 17.79 47.49 38.31
C LEU A 207 17.16 48.86 38.14
N HIS A 208 17.56 49.61 37.12
CA HIS A 208 16.89 50.87 36.82
C HIS A 208 15.47 50.64 36.34
N TYR A 209 15.25 49.54 35.60
CA TYR A 209 13.93 49.25 35.05
C TYR A 209 12.91 49.08 36.16
N ARG A 210 13.12 48.10 37.04
CA ARG A 210 12.12 47.87 38.07
C ARG A 210 12.04 49.01 39.08
N ARG A 211 13.09 49.82 39.20
CA ARG A 211 13.17 50.86 40.22
C ARG A 211 12.59 52.20 39.77
N ALA A 212 12.63 52.51 38.48
CA ALA A 212 12.12 53.78 37.98
C ALA A 212 11.30 53.67 36.71
N VAL A 213 11.23 52.51 36.07
CA VAL A 213 10.68 52.38 34.72
C VAL A 213 9.41 51.52 34.72
N ARG A 214 9.44 50.36 35.37
CA ARG A 214 8.31 49.45 35.31
C ARG A 214 7.00 50.13 35.70
N ALA A 215 7.00 50.83 36.84
CA ALA A 215 5.79 51.50 37.32
C ALA A 215 5.67 52.83 36.56
N SER A 216 5.32 52.74 35.29
CA SER A 216 5.12 53.91 34.46
C SER A 216 3.82 53.77 33.70
N THR A 217 3.34 54.87 33.16
CA THR A 217 2.13 54.88 32.34
C THR A 217 2.44 55.00 30.86
N ASP A 218 3.71 54.89 30.46
CA ASP A 218 4.09 54.84 29.05
C ASP A 218 4.60 53.44 28.77
N PRO A 219 3.70 52.50 28.44
CA PRO A 219 4.12 51.12 28.18
C PRO A 219 5.30 51.00 27.24
N TYR A 220 5.18 51.65 26.07
CA TYR A 220 6.18 51.59 25.01
C TYR A 220 7.59 51.69 25.55
N LYS A 221 7.83 52.63 26.47
CA LYS A 221 9.15 52.72 27.09
C LYS A 221 9.51 51.43 27.82
N ARG A 222 8.53 50.85 28.54
CA ARG A 222 8.81 49.61 29.25
C ARG A 222 9.09 48.47 28.29
N ALA A 223 8.36 48.40 27.19
CA ALA A 223 8.62 47.38 26.18
C ALA A 223 10.01 47.53 25.58
N VAL A 224 10.39 48.77 25.27
CA VAL A 224 11.72 49.00 24.71
C VAL A 224 12.80 48.56 25.69
N TYR A 225 12.69 49.02 26.94
CA TYR A 225 13.68 48.63 27.94
C TYR A 225 13.68 47.13 28.16
N CYS A 226 12.51 46.50 28.07
CA CYS A 226 12.35 45.06 28.16
C CYS A 226 13.21 44.36 27.13
N ILE A 227 12.92 44.62 25.85
CA ILE A 227 13.64 43.92 24.79
C ILE A 227 15.12 44.25 24.83
N ILE A 228 15.46 45.53 25.09
CA ILE A 228 16.85 45.94 25.05
C ILE A 228 17.63 45.49 26.28
N GLY A 229 16.95 45.01 27.32
CA GLY A 229 17.64 44.61 28.53
C GLY A 229 17.16 43.29 29.10
N ARG A 230 16.27 42.61 28.38
CA ARG A 230 15.80 41.28 28.78
C ARG A 230 15.20 41.31 30.18
N CYS A 231 14.16 42.10 30.37
CA CYS A 231 13.59 42.38 31.69
C CYS A 231 12.18 41.82 31.76
N ASP A 232 11.82 41.28 32.92
CA ASP A 232 10.43 40.93 33.21
C ASP A 232 9.89 39.98 32.17
N VAL A 233 10.39 38.74 32.16
CA VAL A 233 10.03 37.77 31.13
C VAL A 233 8.59 37.31 31.29
N SER A 234 7.90 37.81 32.31
CA SER A 234 6.50 37.52 32.51
C SER A 234 5.58 38.52 31.83
N ASP A 235 6.11 39.63 31.31
CA ASP A 235 5.30 40.63 30.63
C ASP A 235 5.05 40.17 29.20
N ASN A 236 3.85 40.45 28.69
CA ASN A 236 3.52 40.12 27.32
C ASN A 236 3.22 41.36 26.48
N HIS A 237 2.94 42.50 27.11
CA HIS A 237 2.67 43.75 26.41
C HIS A 237 1.55 43.58 25.40
N SER A 238 0.37 43.22 25.87
CA SER A 238 -0.76 43.00 24.97
C SER A 238 -1.20 44.29 24.29
N GLU A 239 -0.87 45.43 24.91
CA GLU A 239 -1.31 46.73 24.44
C GLU A 239 -0.56 47.21 23.21
N VAL A 240 0.75 47.01 23.18
CA VAL A 240 1.59 47.46 22.08
C VAL A 240 1.93 46.34 21.12
N ALA A 241 1.85 45.09 21.56
CA ALA A 241 2.18 43.94 20.73
C ALA A 241 0.94 43.06 20.63
N ASP A 242 -0.20 43.70 20.34
CA ASP A 242 -1.50 43.06 20.26
C ASP A 242 -1.51 41.76 19.46
N LYS A 243 -0.73 41.67 18.39
CA LYS A 243 -0.84 40.57 17.46
C LYS A 243 0.01 39.39 17.90
N THR A 244 -0.45 38.18 17.56
CA THR A 244 0.32 36.97 17.84
C THR A 244 1.70 37.03 17.21
N GLU A 245 1.77 37.47 15.95
CA GLU A 245 3.06 37.67 15.31
C GLU A 245 3.91 38.66 16.11
N ASP A 246 3.31 39.76 16.52
CA ASP A 246 4.01 40.69 17.40
C ASP A 246 4.46 40.01 18.68
N TYR A 247 3.67 39.07 19.20
CA TYR A 247 4.06 38.40 20.44
C TYR A 247 5.30 37.54 20.21
N LEU A 248 5.32 36.80 19.11
CA LEU A 248 6.52 36.08 18.72
C LEU A 248 7.70 37.02 18.62
N TRP A 249 7.49 38.19 18.01
CA TRP A 249 8.57 39.17 17.91
C TRP A 249 9.10 39.52 19.28
N LEU A 250 8.19 39.83 20.19
CA LEU A 250 8.55 40.22 21.54
C LEU A 250 9.41 39.13 22.18
N LYS A 251 8.90 37.91 22.23
CA LYS A 251 9.55 36.89 23.02
C LYS A 251 10.86 36.41 22.38
N LEU A 252 10.90 36.36 21.05
CA LEU A 252 12.14 35.94 20.40
C LEU A 252 13.21 37.02 20.50
N SER A 253 12.82 38.29 20.34
CA SER A 253 13.74 39.38 20.61
C SER A 253 14.20 39.38 22.06
N GLN A 254 13.54 38.60 22.91
CA GLN A 254 13.74 38.61 24.35
C GLN A 254 14.48 37.39 24.87
N VAL A 255 14.44 36.27 24.14
CA VAL A 255 14.99 35.02 24.66
C VAL A 255 16.49 35.17 24.91
N CYS A 256 17.04 34.27 25.73
CA CYS A 256 18.42 34.34 26.15
C CYS A 256 19.01 32.95 26.30
N PHE A 257 20.26 32.80 25.85
CA PHE A 257 21.03 31.58 26.04
C PHE A 257 22.12 31.71 27.09
N GLU A 258 22.36 32.89 27.63
CA GLU A 258 23.40 33.10 28.62
C GLU A 258 22.85 32.90 30.03
N ASP A 259 23.73 32.50 30.94
CA ASP A 259 23.35 32.25 32.32
C ASP A 259 24.04 33.23 33.28
N SER A 263 20.88 37.33 32.66
CA SER A 263 22.08 37.03 33.43
C SER A 263 21.71 36.43 34.78
N SER A 264 20.63 36.94 35.35
CA SER A 264 20.15 36.42 36.62
C SER A 264 19.26 35.19 36.38
N PRO A 265 19.18 34.27 37.33
CA PRO A 265 18.35 33.08 37.14
C PRO A 265 16.87 33.33 37.41
N GLN A 266 16.47 34.60 37.46
CA GLN A 266 15.07 34.91 37.72
C GLN A 266 14.43 35.59 36.51
N ASP A 267 15.25 36.30 35.72
CA ASP A 267 14.81 36.82 34.43
C ASP A 267 15.50 36.12 33.28
N ARG A 268 16.04 34.92 33.51
CA ARG A 268 16.63 34.11 32.46
C ARG A 268 15.50 33.33 31.79
N LEU A 269 15.18 33.68 30.55
CA LEU A 269 14.11 33.04 29.79
C LEU A 269 14.75 32.09 28.79
N THR A 270 14.64 30.80 29.07
CA THR A 270 15.30 29.78 28.26
C THR A 270 14.44 29.37 27.08
N LEU A 271 15.04 29.37 25.90
CA LEU A 271 14.33 28.97 24.68
C LEU A 271 13.57 27.67 24.82
N PRO A 272 14.09 26.61 25.44
CA PRO A 272 13.27 25.41 25.65
C PRO A 272 12.00 25.71 26.44
N GLN A 273 12.09 26.57 27.45
CA GLN A 273 10.89 26.94 28.19
C GLN A 273 9.88 27.62 27.27
N PHE A 274 10.35 28.41 26.32
CA PHE A 274 9.41 29.07 25.41
C PHE A 274 8.79 28.07 24.44
N GLN A 275 9.58 27.11 23.96
CA GLN A 275 9.02 26.08 23.09
C GLN A 275 7.92 25.32 23.84
N LYS A 276 8.20 24.92 25.08
CA LYS A 276 7.20 24.24 25.88
C LYS A 276 5.97 25.10 26.10
N GLN A 277 6.19 26.39 26.40
CA GLN A 277 5.08 27.32 26.60
C GLN A 277 4.17 27.37 25.37
N LEU A 278 4.76 27.50 24.18
CA LEU A 278 3.94 27.59 22.99
C LEU A 278 3.23 26.27 22.70
N PHE A 279 3.96 25.16 22.75
CA PHE A 279 3.35 23.85 22.57
C PHE A 279 2.17 23.66 23.52
N GLU A 280 2.27 24.22 24.73
CA GLU A 280 1.15 24.25 25.68
C GLU A 280 -0.01 25.08 25.13
N ASP A 281 0.25 26.36 24.92
CA ASP A 281 -0.82 27.28 24.51
C ASP A 281 -1.31 26.97 23.11
N TYR A 282 -0.39 26.74 22.17
CA TYR A 282 -0.72 26.52 20.78
C TYR A 282 -0.52 25.05 20.44
N GLY A 283 -1.57 24.43 19.89
CA GLY A 283 -1.45 23.13 19.26
C GLY A 283 -1.82 21.98 20.18
N GLU A 284 -1.65 20.78 19.62
CA GLU A 284 -1.82 19.47 20.25
C GLU A 284 -3.29 19.19 20.54
N SER A 285 -4.09 20.23 20.64
CA SER A 285 -5.51 20.11 20.36
C SER A 285 -6.05 21.41 19.77
N HIS A 286 -5.31 22.51 19.86
CA HIS A 286 -5.82 23.80 19.47
C HIS A 286 -5.62 24.08 17.99
N PHE A 287 -4.87 23.24 17.29
CA PHE A 287 -4.54 23.53 15.90
C PHE A 287 -5.77 23.47 15.01
N ALA A 288 -6.41 22.30 14.96
CA ALA A 288 -7.52 22.13 14.03
C ALA A 288 -8.73 22.96 14.44
N VAL A 289 -8.86 23.26 15.73
CA VAL A 289 -10.08 23.90 16.23
C VAL A 289 -10.17 25.38 15.88
N ASN A 290 -9.06 26.04 15.57
CA ASN A 290 -9.05 27.49 15.44
C ASN A 290 -9.12 27.97 14.00
N GLN A 291 -9.11 27.07 13.03
CA GLN A 291 -9.44 27.36 11.63
C GLN A 291 -8.60 28.49 11.05
N GLN A 292 -7.42 28.70 11.63
CA GLN A 292 -6.44 29.55 10.99
C GLN A 292 -5.11 28.82 11.00
N PRO A 293 -4.99 27.75 10.22
CA PRO A 293 -3.84 26.86 10.39
C PRO A 293 -2.53 27.48 9.95
N TYR A 294 -2.50 28.24 8.86
CA TYR A 294 -1.25 28.78 8.36
C TYR A 294 -0.51 29.57 9.42
N LEU A 295 -1.22 30.47 10.11
CA LEU A 295 -0.57 31.32 11.10
C LEU A 295 -0.05 30.50 12.27
N TYR A 296 -0.89 29.63 12.82
CA TYR A 296 -0.45 28.73 13.87
C TYR A 296 0.81 27.98 13.46
N PHE A 297 0.85 27.53 12.21
CA PHE A 297 2.00 26.79 11.73
C PHE A 297 3.23 27.67 11.71
N GLN A 298 3.09 28.92 11.26
CA GLN A 298 4.25 29.80 11.23
C GLN A 298 4.75 30.04 12.65
N VAL A 299 3.83 30.08 13.61
CA VAL A 299 4.24 30.21 15.01
C VAL A 299 5.04 28.98 15.42
N LEU A 300 4.43 27.81 15.33
CA LEU A 300 5.09 26.58 15.75
C LEU A 300 6.38 26.32 15.00
N PHE A 301 6.59 26.98 13.87
CA PHE A 301 7.77 26.74 13.06
C PHE A 301 8.89 27.72 13.36
N LEU A 302 8.56 29.00 13.56
CA LEU A 302 9.60 29.98 13.85
C LEU A 302 10.32 29.67 15.16
N THR A 303 9.77 28.78 15.98
CA THR A 303 10.32 28.55 17.31
C THR A 303 11.24 27.33 17.36
N ALA A 304 12.03 27.11 16.32
CA ALA A 304 13.12 26.14 16.36
C ALA A 304 12.61 24.72 16.56
N GLN A 305 11.40 24.44 16.10
CA GLN A 305 10.83 23.09 16.16
C GLN A 305 10.07 22.87 14.86
N PHE A 306 10.52 21.89 14.07
CA PHE A 306 9.87 21.62 12.80
C PHE A 306 8.87 20.49 12.91
N GLU A 307 9.30 19.36 13.46
CA GLU A 307 8.51 18.13 13.51
C GLU A 307 7.08 18.38 13.99
N ALA A 308 6.95 18.89 15.20
CA ALA A 308 5.63 19.09 15.78
C ALA A 308 4.80 20.10 15.00
N ALA A 309 5.41 20.83 14.08
CA ALA A 309 4.64 21.74 13.24
C ALA A 309 4.01 20.98 12.07
N ILE A 310 4.84 20.33 11.27
CA ILE A 310 4.34 19.53 10.16
C ILE A 310 3.31 18.53 10.65
N ALA A 311 3.62 17.82 11.74
CA ALA A 311 2.74 16.76 12.21
C ALA A 311 1.32 17.27 12.44
N PHE A 312 1.18 18.48 12.96
CA PHE A 312 -0.15 19.05 13.07
C PHE A 312 -0.66 19.43 11.70
N LEU A 313 0.08 20.30 11.01
CA LEU A 313 -0.38 20.83 9.73
C LEU A 313 -0.72 19.73 8.74
N PHE A 314 -0.12 18.55 8.88
CA PHE A 314 -0.42 17.45 7.98
C PHE A 314 -1.83 16.91 8.18
N ARG A 315 -2.43 17.12 9.35
CA ARG A 315 -3.70 16.48 9.65
C ARG A 315 -4.86 17.17 8.94
N LEU A 316 -4.88 18.49 8.95
CA LEU A 316 -5.98 19.22 8.34
C LEU A 316 -6.10 18.89 6.85
N GLU A 317 -7.35 18.68 6.41
CA GLU A 317 -7.61 18.32 5.02
C GLU A 317 -7.19 19.41 4.05
N ARG A 318 -7.24 20.68 4.46
CA ARG A 318 -6.96 21.76 3.51
C ARG A 318 -5.51 21.79 3.12
N THR A 319 -4.60 21.59 4.07
CA THR A 319 -3.19 21.82 3.88
C THR A 319 -2.39 20.55 4.09
N ARG A 320 -2.85 19.44 3.55
CA ARG A 320 -2.09 18.22 3.64
C ARG A 320 -0.81 18.34 2.83
N CYS A 321 -0.95 18.57 1.52
CA CYS A 321 0.20 18.52 0.63
C CYS A 321 1.27 19.50 1.05
N HIS A 322 0.88 20.71 1.45
CA HIS A 322 1.87 21.72 1.83
C HIS A 322 2.69 21.24 3.01
N ALA A 323 2.04 20.65 4.00
CA ALA A 323 2.78 20.11 5.14
C ALA A 323 3.71 18.98 4.70
N VAL A 324 3.19 18.03 3.92
CA VAL A 324 4.00 16.89 3.53
C VAL A 324 5.24 17.35 2.79
N HIS A 325 5.08 18.31 1.90
CA HIS A 325 6.24 18.72 1.11
C HIS A 325 7.19 19.60 1.90
N VAL A 326 6.70 20.38 2.86
CA VAL A 326 7.63 21.03 3.77
C VAL A 326 8.46 19.98 4.48
N ALA A 327 7.83 18.87 4.86
CA ALA A 327 8.57 17.80 5.54
C ALA A 327 9.60 17.20 4.62
N LEU A 328 9.25 16.98 3.36
CA LEU A 328 10.23 16.42 2.43
C LEU A 328 11.39 17.38 2.20
N ALA A 329 11.09 18.67 2.04
CA ALA A 329 12.13 19.68 1.93
C ALA A 329 13.09 19.61 3.11
N LEU A 330 12.53 19.65 4.33
CA LEU A 330 13.37 19.54 5.52
C LEU A 330 14.21 18.28 5.50
N PHE A 331 13.61 17.15 5.14
CA PHE A 331 14.37 15.89 5.16
C PHE A 331 15.52 15.94 4.17
N GLU A 332 15.31 16.54 3.00
CA GLU A 332 16.35 16.55 1.98
C GLU A 332 17.54 17.38 2.43
N LEU A 333 17.29 18.47 3.14
CA LEU A 333 18.36 19.22 3.79
C LEU A 333 18.80 18.59 5.10
N LYS A 334 18.45 17.32 5.32
CA LYS A 334 18.88 16.52 6.48
C LYS A 334 18.59 17.24 7.80
N LEU A 335 17.67 18.20 7.76
CA LEU A 335 17.24 18.93 8.95
C LEU A 335 15.95 18.29 9.46
N LEU A 336 16.10 17.18 10.18
CA LEU A 336 14.95 16.48 10.71
C LEU A 336 15.37 15.43 11.72
N LEU A 337 14.70 15.37 12.86
CA LEU A 337 14.96 14.38 13.89
C LEU A 337 13.89 13.31 13.80
N LYS A 338 14.10 12.32 12.96
CA LYS A 338 13.10 11.31 12.65
C LYS A 338 13.13 10.22 13.71
N SER A 339 12.09 9.38 13.69
CA SER A 339 11.99 8.29 14.65
C SER A 339 12.93 7.16 14.27
N THR A 340 13.77 6.76 15.22
CA THR A 340 14.74 5.70 14.99
C THR A 340 14.12 4.32 15.02
N GLY A 341 13.25 4.03 15.98
CA GLY A 341 12.54 2.77 16.02
C GLY A 341 11.24 2.82 15.25
N GLN A 342 10.48 1.73 15.36
CA GLN A 342 9.21 1.60 14.66
C GLN A 342 8.07 1.61 15.68
N SER A 343 7.09 2.47 15.45
CA SER A 343 5.95 2.60 16.34
C SER A 343 4.71 2.86 15.50
N ALA A 344 3.63 3.26 16.19
CA ALA A 344 2.34 3.49 15.55
C ALA A 344 1.85 4.92 15.78
N GLN A 345 2.77 5.87 15.85
CA GLN A 345 2.42 7.27 15.94
C GLN A 345 3.09 8.04 14.81
N LEU A 346 2.47 9.16 14.44
CA LEU A 346 3.11 10.08 13.51
C LEU A 346 4.16 10.93 14.23
N LEU A 347 3.72 11.63 15.27
CA LEU A 347 4.58 12.44 16.11
C LEU A 347 4.85 11.69 17.40
N SER A 348 6.12 11.44 17.69
CA SER A 348 6.46 10.60 18.83
C SER A 348 7.56 11.25 19.66
N GLN A 349 7.61 10.85 20.93
CA GLN A 349 8.61 11.33 21.88
C GLN A 349 9.26 10.14 22.56
N GLU A 350 10.58 10.04 22.43
CA GLU A 350 11.34 8.95 23.00
C GLU A 350 11.98 9.42 24.30
N PRO A 351 11.61 8.86 25.45
CA PRO A 351 12.00 9.49 26.72
C PRO A 351 13.49 9.40 27.01
N GLY A 352 14.32 9.85 26.06
CA GLY A 352 15.74 9.91 26.29
C GLY A 352 16.36 11.25 25.98
N GLU A 353 15.67 12.07 25.19
CA GLU A 353 16.25 13.33 24.75
C GLU A 353 16.37 14.29 25.94
N PRO A 354 17.32 15.24 25.90
CA PRO A 354 17.37 16.26 26.96
C PRO A 354 16.06 17.03 27.02
N GLN A 355 15.76 17.70 25.91
CA GLN A 355 14.41 18.12 25.58
C GLN A 355 14.09 17.72 24.15
N GLY A 356 15.02 17.97 23.23
CA GLY A 356 14.83 17.76 21.82
C GLY A 356 13.50 18.34 21.37
N VAL A 357 12.95 17.72 20.33
CA VAL A 357 11.58 17.94 19.95
C VAL A 357 11.02 16.57 19.60
N ARG A 358 9.71 16.42 19.75
CA ARG A 358 9.02 15.21 19.34
C ARG A 358 9.52 14.75 17.97
N ARG A 359 9.84 13.48 17.82
CA ARG A 359 10.36 12.97 16.57
C ARG A 359 9.22 12.68 15.60
N LEU A 360 9.53 12.78 14.31
CA LEU A 360 8.55 12.61 13.25
C LEU A 360 8.74 11.26 12.59
N ASN A 361 7.67 10.46 12.55
CA ASN A 361 7.73 9.09 12.03
C ASN A 361 7.62 9.15 10.51
N PHE A 362 8.66 9.69 9.89
CA PHE A 362 8.75 9.98 8.47
C PHE A 362 8.11 8.91 7.60
N ILE A 363 8.42 7.65 7.88
CA ILE A 363 7.92 6.55 7.07
C ILE A 363 6.40 6.51 7.10
N ARG A 364 5.83 6.52 8.30
CA ARG A 364 4.38 6.56 8.43
C ARG A 364 3.79 7.78 7.75
N LEU A 365 4.54 8.89 7.74
CA LEU A 365 4.04 10.10 7.09
C LEU A 365 3.88 9.88 5.58
N LEU A 366 4.98 9.48 4.92
CA LEU A 366 4.87 9.20 3.49
C LEU A 366 3.79 8.18 3.20
N MET A 367 3.68 7.14 4.05
CA MET A 367 2.69 6.11 3.79
C MET A 367 1.28 6.67 3.86
N LEU A 368 0.94 7.32 4.97
CA LEU A 368 -0.40 7.85 5.16
C LEU A 368 -0.69 9.05 4.28
N TYR A 369 0.30 9.57 3.57
CA TYR A 369 -0.05 10.52 2.54
C TYR A 369 -0.31 9.84 1.21
N THR A 370 0.58 8.95 0.80
CA THR A 370 0.42 8.29 -0.50
C THR A 370 -0.85 7.47 -0.55
N ARG A 371 -1.25 6.85 0.56
CA ARG A 371 -2.34 5.89 0.50
C ARG A 371 -3.65 6.50 -0.01
N LYS A 372 -3.78 7.82 -0.02
CA LYS A 372 -4.98 8.42 -0.59
C LYS A 372 -5.10 8.11 -2.07
N PHE A 373 -4.05 8.37 -2.84
CA PHE A 373 -4.10 8.17 -4.28
C PHE A 373 -3.14 7.09 -4.73
N GLU A 374 -2.61 6.30 -3.79
CA GLU A 374 -1.76 5.17 -4.17
C GLU A 374 -2.51 4.14 -5.02
N PRO A 375 -3.68 3.64 -4.65
CA PRO A 375 -4.28 2.57 -5.45
C PRO A 375 -5.12 3.08 -6.60
N THR A 376 -5.05 4.37 -6.92
CA THR A 376 -5.80 4.86 -8.08
C THR A 376 -4.88 5.39 -9.17
N ASP A 377 -3.91 6.24 -8.81
CA ASP A 377 -2.95 6.81 -9.76
C ASP A 377 -1.53 6.52 -9.31
N PRO A 378 -1.14 5.25 -9.19
CA PRO A 378 0.14 4.92 -8.57
C PRO A 378 1.36 5.53 -9.24
N ARG A 379 1.24 5.93 -10.51
CA ARG A 379 2.36 6.50 -11.24
C ARG A 379 3.07 7.57 -10.43
N GLU A 380 2.31 8.48 -9.84
CA GLU A 380 2.89 9.54 -9.03
C GLU A 380 3.25 9.05 -7.64
N ALA A 381 2.49 8.10 -7.10
CA ALA A 381 2.78 7.58 -5.76
C ALA A 381 4.20 7.04 -5.68
N LEU A 382 4.57 6.22 -6.66
CA LEU A 382 5.92 5.68 -6.71
C LEU A 382 6.98 6.76 -6.61
N GLN A 383 6.65 7.99 -7.02
CA GLN A 383 7.63 9.07 -6.97
C GLN A 383 7.97 9.46 -5.54
N TYR A 384 6.95 9.76 -4.74
CA TYR A 384 7.20 9.99 -3.32
C TYR A 384 7.86 8.79 -2.67
N PHE A 385 7.42 7.57 -3.03
CA PHE A 385 7.99 6.38 -2.42
C PHE A 385 9.52 6.37 -2.43
N TYR A 386 10.13 7.02 -3.41
CA TYR A 386 11.57 6.85 -3.58
C TYR A 386 12.35 7.40 -2.39
N PHE A 387 11.82 8.41 -1.71
CA PHE A 387 12.62 9.13 -0.74
C PHE A 387 12.99 8.30 0.47
N LEU A 388 12.26 7.24 0.76
CA LEU A 388 12.56 6.39 1.90
C LEU A 388 13.73 5.45 1.63
N ARG A 389 14.48 5.66 0.55
CA ARG A 389 15.40 4.64 0.06
C ARG A 389 16.42 4.22 1.12
N ASN A 390 17.05 5.18 1.80
CA ASN A 390 18.12 4.87 2.73
C ASN A 390 17.62 4.64 4.14
N GLU A 391 16.32 4.44 4.33
CA GLU A 391 15.72 4.31 5.65
C GLU A 391 15.31 2.86 5.87
N LYS A 392 16.11 2.13 6.66
CA LYS A 392 15.98 0.69 6.74
C LYS A 392 14.67 0.28 7.39
N ASP A 393 14.45 -1.03 7.45
CA ASP A 393 13.21 -1.61 7.95
C ASP A 393 13.51 -2.53 9.12
N ASN A 394 12.46 -3.25 9.56
CA ASN A 394 12.64 -4.24 10.61
C ASN A 394 13.46 -5.42 10.12
N GLN A 395 13.16 -5.93 8.94
CA GLN A 395 13.81 -7.13 8.44
C GLN A 395 15.28 -6.91 8.11
N GLY A 396 15.67 -5.67 7.84
CA GLY A 396 17.04 -5.38 7.45
C GLY A 396 17.13 -4.92 6.00
N GLU A 397 16.01 -4.41 5.49
CA GLU A 397 15.90 -4.05 4.09
C GLU A 397 15.46 -2.60 3.97
N SER A 398 15.67 -2.03 2.78
CA SER A 398 15.19 -0.69 2.51
C SER A 398 13.67 -0.66 2.55
N MET A 399 13.13 0.27 3.33
CA MET A 399 11.68 0.41 3.40
C MET A 399 11.09 0.69 2.02
N PHE A 400 11.86 1.37 1.17
CA PHE A 400 11.40 1.67 -0.18
C PHE A 400 10.97 0.41 -0.92
N LEU A 401 11.75 -0.66 -0.80
CA LEU A 401 11.42 -1.90 -1.49
C LEU A 401 10.16 -2.53 -0.90
N ARG A 402 10.10 -2.62 0.43
CA ARG A 402 8.91 -3.16 1.09
C ARG A 402 7.69 -2.28 0.89
N CYS A 403 7.87 -1.09 0.33
CA CYS A 403 6.76 -0.21 -0.02
C CYS A 403 6.30 -0.47 -1.46
N VAL A 404 7.23 -0.43 -2.41
CA VAL A 404 6.86 -0.74 -3.79
C VAL A 404 6.18 -2.10 -3.86
N SER A 405 6.80 -3.10 -3.22
CA SER A 405 6.30 -4.47 -3.29
C SER A 405 4.86 -4.62 -2.83
N GLU A 406 4.25 -3.57 -2.30
CA GLU A 406 2.84 -3.61 -1.97
C GLU A 406 2.00 -2.90 -3.03
N LEU A 407 2.41 -1.68 -3.38
CA LEU A 407 1.73 -0.95 -4.44
C LEU A 407 1.60 -1.79 -5.69
N VAL A 408 2.72 -2.32 -6.18
CA VAL A 408 2.79 -2.87 -7.53
C VAL A 408 1.99 -4.16 -7.62
N ILE A 409 1.69 -4.79 -6.48
CA ILE A 409 0.97 -6.04 -6.53
C ILE A 409 -0.51 -5.81 -6.24
N GLU A 410 -0.80 -4.98 -5.24
CA GLU A 410 -2.19 -4.68 -4.90
C GLU A 410 -2.80 -3.69 -5.86
N SER A 411 -2.02 -3.14 -6.78
CA SER A 411 -2.56 -2.33 -7.86
C SER A 411 -2.36 -3.02 -9.21
N ARG A 412 -2.23 -4.34 -9.22
CA ARG A 412 -2.29 -5.12 -10.44
C ARG A 412 -1.21 -4.72 -11.44
N GLU A 413 0.04 -5.05 -11.13
CA GLU A 413 1.21 -4.64 -11.89
C GLU A 413 0.93 -4.64 -13.38
N PHE A 414 1.24 -3.52 -14.01
CA PHE A 414 1.15 -3.36 -15.45
C PHE A 414 2.56 -3.40 -16.03
N ASP A 415 2.65 -3.09 -17.31
CA ASP A 415 3.95 -2.83 -17.91
C ASP A 415 4.44 -1.44 -17.53
N MET A 416 3.53 -0.48 -17.38
CA MET A 416 3.92 0.88 -17.05
C MET A 416 4.65 0.96 -15.71
N LEU A 417 4.42 -0.01 -14.82
CA LEU A 417 5.15 -0.07 -13.58
C LEU A 417 6.49 -0.78 -13.72
N LEU A 418 6.55 -1.90 -14.43
CA LEU A 418 7.84 -2.54 -14.68
C LEU A 418 8.14 -2.56 -16.18
N GLY A 419 7.27 -3.18 -16.97
CA GLY A 419 7.54 -3.34 -18.38
C GLY A 419 7.07 -4.69 -18.88
N LYS A 420 7.20 -4.88 -20.19
CA LYS A 420 6.75 -6.09 -20.85
C LYS A 420 7.85 -6.63 -21.76
N LEU A 421 8.10 -7.93 -21.66
CA LEU A 421 9.10 -8.57 -22.49
C LEU A 421 8.58 -8.71 -23.92
N ASP A 424 9.40 -9.73 -28.34
CA ASP A 424 9.83 -10.28 -27.07
C ASP A 424 11.35 -10.34 -26.99
N GLY A 425 11.86 -11.01 -25.97
CA GLY A 425 13.29 -11.04 -25.74
C GLY A 425 13.89 -9.71 -25.38
N SER A 426 13.05 -8.72 -25.07
CA SER A 426 13.52 -7.36 -24.82
C SER A 426 12.61 -6.73 -23.77
N ARG A 427 13.23 -6.10 -22.78
CA ARG A 427 12.50 -5.53 -21.66
C ARG A 427 12.00 -4.14 -22.01
N LYS A 428 10.70 -3.93 -21.84
CA LYS A 428 10.07 -2.64 -22.06
C LYS A 428 10.34 -1.71 -20.89
N PRO A 429 10.86 -0.51 -21.11
CA PRO A 429 11.09 0.42 -20.00
C PRO A 429 9.81 0.70 -19.24
N GLY A 430 9.94 0.84 -17.92
CA GLY A 430 8.81 1.15 -17.08
C GLY A 430 9.08 2.32 -16.15
N ALA A 431 8.11 2.60 -15.27
CA ALA A 431 8.28 3.71 -14.33
C ALA A 431 9.53 3.53 -13.49
N ILE A 432 9.69 2.34 -12.90
CA ILE A 432 10.81 2.09 -11.98
C ILE A 432 12.15 2.28 -12.69
N ASP A 433 12.17 2.24 -14.02
CA ASP A 433 13.42 2.43 -14.74
C ASP A 433 13.88 3.88 -14.65
N LYS A 434 12.95 4.83 -14.75
CA LYS A 434 13.26 6.24 -14.97
C LYS A 434 14.02 6.88 -13.81
N PHE A 435 14.18 6.19 -12.68
CA PHE A 435 14.95 6.79 -11.60
C PHE A 435 15.84 5.77 -10.89
N THR A 436 15.91 4.55 -11.41
CA THR A 436 16.75 3.54 -10.79
C THR A 436 17.32 2.62 -11.86
N ARG A 437 18.60 2.30 -11.72
CA ARG A 437 19.30 1.40 -12.62
C ARG A 437 19.33 0.01 -12.00
N ASP A 438 19.66 -0.98 -12.82
CA ASP A 438 19.65 -2.38 -12.41
C ASP A 438 18.32 -2.71 -11.75
N THR A 439 17.22 -2.51 -12.49
CA THR A 439 15.90 -2.84 -11.99
C THR A 439 15.81 -4.30 -11.57
N LYS A 440 16.64 -5.17 -12.16
CA LYS A 440 16.63 -6.58 -11.85
C LYS A 440 16.58 -6.83 -10.35
N THR A 441 17.28 -6.02 -9.57
CA THR A 441 17.16 -6.05 -8.11
C THR A 441 15.70 -5.94 -7.67
N ILE A 442 15.05 -4.84 -8.05
CA ILE A 442 13.68 -4.59 -7.61
C ILE A 442 12.77 -5.70 -8.09
N ILE A 443 13.01 -6.21 -9.30
CA ILE A 443 12.15 -7.24 -9.86
C ILE A 443 12.27 -8.52 -9.08
N ASN A 444 13.51 -8.98 -8.84
CA ASN A 444 13.72 -10.16 -8.02
C ASN A 444 13.06 -10.01 -6.66
N LYS A 445 13.23 -8.83 -6.04
CA LYS A 445 12.66 -8.60 -4.72
C LYS A 445 11.15 -8.73 -4.73
N VAL A 446 10.49 -7.95 -5.59
CA VAL A 446 9.03 -7.93 -5.59
C VAL A 446 8.49 -9.29 -6.00
N ALA A 447 9.20 -9.99 -6.88
CA ALA A 447 8.73 -11.31 -7.29
C ALA A 447 8.81 -12.29 -6.13
N SER A 448 9.91 -12.29 -5.39
CA SER A 448 10.00 -13.13 -4.21
C SER A 448 8.90 -12.79 -3.21
N VAL A 449 8.61 -11.50 -3.07
CA VAL A 449 7.59 -11.07 -2.11
C VAL A 449 6.23 -11.59 -2.52
N ALA A 450 5.85 -11.38 -3.78
CA ALA A 450 4.58 -11.92 -4.26
C ALA A 450 4.58 -13.44 -4.24
N GLU A 451 5.76 -14.05 -4.26
CA GLU A 451 5.85 -15.49 -4.14
C GLU A 451 5.44 -15.95 -2.76
N ASN A 452 6.09 -15.41 -1.73
CA ASN A 452 5.72 -15.75 -0.36
C ASN A 452 4.24 -15.50 -0.10
N LYS A 453 3.70 -14.40 -0.65
CA LYS A 453 2.29 -14.07 -0.53
C LYS A 453 1.37 -15.16 -1.04
N GLY A 454 1.88 -16.11 -1.82
CA GLY A 454 1.02 -17.12 -2.40
C GLY A 454 0.44 -16.77 -3.73
N LEU A 455 0.73 -15.58 -4.25
CA LEU A 455 0.36 -15.21 -5.62
C LEU A 455 1.49 -15.73 -6.51
N PHE A 456 1.45 -17.04 -6.78
CA PHE A 456 2.56 -17.74 -7.41
C PHE A 456 2.68 -17.46 -8.90
N GLU A 457 1.62 -17.74 -9.66
CA GLU A 457 1.64 -17.56 -11.10
C GLU A 457 2.13 -16.17 -11.50
N GLU A 458 1.65 -15.14 -10.80
CA GLU A 458 2.09 -13.78 -11.10
C GLU A 458 3.59 -13.63 -10.86
N ALA A 459 4.09 -14.23 -9.77
CA ALA A 459 5.50 -14.17 -9.49
C ALA A 459 6.31 -14.92 -10.55
N ALA A 460 5.73 -15.96 -11.15
CA ALA A 460 6.40 -16.63 -12.25
C ALA A 460 6.56 -15.65 -13.40
N LYS A 461 5.46 -14.99 -13.77
CA LYS A 461 5.52 -13.98 -14.82
C LYS A 461 6.61 -12.95 -14.52
N LEU A 462 6.67 -12.49 -13.27
CA LEU A 462 7.65 -11.47 -12.91
C LEU A 462 9.08 -12.01 -13.04
N TYR A 463 9.37 -13.12 -12.36
CA TYR A 463 10.66 -13.79 -12.54
C TYR A 463 11.05 -13.89 -14.00
N ASP A 464 10.08 -14.17 -14.87
CA ASP A 464 10.39 -14.22 -16.29
C ASP A 464 10.74 -12.84 -16.83
N LEU A 465 10.07 -11.80 -16.33
CA LEU A 465 10.44 -10.46 -16.74
C LEU A 465 11.81 -10.05 -16.18
N ALA A 466 12.40 -10.89 -15.33
CA ALA A 466 13.67 -10.58 -14.70
C ALA A 466 14.85 -11.30 -15.32
N LYS A 467 14.62 -12.21 -16.27
CA LYS A 467 15.66 -13.03 -16.88
C LYS A 467 16.41 -13.84 -15.82
N ASN A 468 15.67 -14.72 -15.16
CA ASN A 468 16.24 -15.63 -14.17
C ASN A 468 15.65 -17.02 -14.42
N PRO A 469 16.30 -17.85 -15.23
CA PRO A 469 15.63 -19.08 -15.69
C PRO A 469 15.34 -20.07 -14.59
N ASP A 470 16.32 -20.33 -13.71
CA ASP A 470 16.13 -21.33 -12.67
C ASP A 470 14.92 -21.01 -11.82
N LYS A 471 14.75 -19.75 -11.44
CA LYS A 471 13.64 -19.38 -10.56
C LYS A 471 12.29 -19.51 -11.26
N VAL A 472 12.19 -19.00 -12.49
CA VAL A 472 10.96 -19.16 -13.27
C VAL A 472 10.57 -20.62 -13.35
N LEU A 473 11.53 -21.47 -13.70
CA LEU A 473 11.19 -22.86 -13.95
C LEU A 473 10.85 -23.60 -12.67
N GLU A 474 11.60 -23.36 -11.59
CA GLU A 474 11.27 -24.02 -10.33
C GLU A 474 9.91 -23.58 -9.83
N LEU A 475 9.56 -22.31 -10.01
CA LEU A 475 8.25 -21.87 -9.57
C LEU A 475 7.14 -22.51 -10.40
N THR A 476 7.30 -22.50 -11.73
CA THR A 476 6.30 -23.14 -12.58
C THR A 476 6.17 -24.62 -12.28
N ASN A 477 7.25 -25.25 -11.80
CA ASN A 477 7.23 -26.67 -11.50
C ASN A 477 6.09 -27.02 -10.55
N LYS A 478 6.02 -26.33 -9.41
CA LYS A 478 4.99 -26.64 -8.42
C LYS A 478 3.60 -26.55 -9.01
N LEU A 479 3.22 -25.36 -9.48
CA LEU A 479 1.88 -25.14 -9.99
C LEU A 479 1.59 -25.95 -11.25
N LEU A 480 2.60 -26.53 -11.89
CA LEU A 480 2.36 -27.43 -13.00
C LEU A 480 2.16 -28.87 -12.56
N SER A 481 2.80 -29.27 -11.46
CA SER A 481 2.81 -30.67 -11.04
C SER A 481 1.43 -31.29 -10.86
N PRO A 482 0.49 -30.70 -10.13
CA PRO A 482 -0.73 -31.44 -9.79
C PRO A 482 -1.73 -31.56 -10.92
N VAL A 483 -1.71 -30.65 -11.88
CA VAL A 483 -2.71 -30.60 -12.94
C VAL A 483 -2.32 -31.48 -14.13
N VAL A 484 -1.06 -31.91 -14.17
CA VAL A 484 -0.54 -32.63 -15.33
C VAL A 484 -1.31 -33.92 -15.61
N SER A 485 -2.15 -34.37 -14.70
CA SER A 485 -2.96 -35.56 -14.92
C SER A 485 -4.45 -35.27 -14.79
N GLN A 486 -4.82 -34.12 -14.25
CA GLN A 486 -6.21 -33.70 -14.25
C GLN A 486 -6.69 -33.61 -15.70
N ILE A 487 -7.88 -34.16 -15.96
CA ILE A 487 -8.38 -34.21 -17.33
C ILE A 487 -8.68 -32.79 -17.82
N SER A 488 -8.97 -32.68 -19.12
CA SER A 488 -9.22 -31.40 -19.79
C SER A 488 -10.04 -30.44 -18.94
N ALA A 489 -11.20 -30.90 -18.44
CA ALA A 489 -11.95 -30.21 -17.39
C ALA A 489 -12.25 -28.76 -17.72
N PRO A 490 -13.25 -28.47 -18.56
CA PRO A 490 -13.60 -27.08 -18.84
C PRO A 490 -13.82 -26.30 -17.55
N GLN A 491 -13.50 -25.00 -17.62
CA GLN A 491 -13.39 -24.15 -16.44
C GLN A 491 -12.34 -24.72 -15.50
N SER A 492 -11.09 -24.75 -15.95
CA SER A 492 -9.97 -25.16 -15.13
C SER A 492 -8.81 -24.18 -15.28
N ASN A 493 -7.66 -24.57 -14.74
CA ASN A 493 -6.42 -23.85 -14.95
C ASN A 493 -5.57 -24.46 -16.06
N ARG A 494 -5.84 -25.70 -16.43
CA ARG A 494 -4.92 -26.46 -17.27
C ARG A 494 -4.56 -25.71 -18.54
N GLU A 495 -5.56 -25.17 -19.23
CA GLU A 495 -5.27 -24.43 -20.45
C GLU A 495 -4.34 -23.27 -20.17
N ARG A 496 -4.63 -22.51 -19.10
CA ARG A 496 -3.87 -21.29 -18.82
C ARG A 496 -2.42 -21.62 -18.50
N LEU A 497 -2.20 -22.55 -17.58
CA LEU A 497 -0.83 -22.92 -17.21
C LEU A 497 -0.12 -23.59 -18.37
N LYS A 498 -0.85 -24.36 -19.18
CA LYS A 498 -0.23 -24.97 -20.35
C LYS A 498 0.30 -23.92 -21.30
N ASN A 499 -0.52 -22.92 -21.63
CA ASN A 499 -0.05 -21.85 -22.49
C ASN A 499 1.11 -21.10 -21.87
N MET A 500 1.04 -20.85 -20.56
CA MET A 500 2.13 -20.19 -19.86
C MET A 500 3.44 -20.93 -20.05
N ALA A 501 3.44 -22.23 -19.72
CA ALA A 501 4.64 -23.03 -19.84
C ALA A 501 5.11 -23.15 -21.29
N LEU A 502 4.17 -23.20 -22.23
CA LEU A 502 4.56 -23.26 -23.63
C LEU A 502 5.29 -21.99 -24.05
N ALA A 503 4.78 -20.83 -23.63
CA ALA A 503 5.47 -19.58 -23.96
C ALA A 503 6.83 -19.52 -23.28
N ILE A 504 6.93 -20.04 -22.06
CA ILE A 504 8.23 -20.14 -21.39
C ILE A 504 9.19 -20.95 -22.24
N ALA A 505 8.75 -22.14 -22.65
CA ALA A 505 9.59 -23.02 -23.47
C ALA A 505 10.04 -22.32 -24.74
N GLU A 506 9.11 -21.65 -25.41
CA GLU A 506 9.45 -20.94 -26.63
C GLU A 506 10.53 -19.91 -26.37
N ARG A 507 10.26 -18.96 -25.47
CA ARG A 507 11.23 -17.91 -25.18
C ARG A 507 12.60 -18.50 -24.83
N TYR A 508 12.63 -19.58 -24.06
CA TYR A 508 13.90 -20.02 -23.49
C TYR A 508 14.69 -20.89 -24.47
N LYS A 509 14.04 -21.86 -25.11
CA LYS A 509 14.75 -22.71 -26.07
C LYS A 509 15.10 -21.94 -27.33
N SER A 510 14.29 -20.95 -27.71
CA SER A 510 14.59 -20.19 -28.92
C SER A 510 15.74 -19.22 -28.69
N GLN A 511 15.70 -18.47 -27.59
CA GLN A 511 16.79 -17.56 -27.27
C GLN A 511 18.01 -18.25 -26.77
N GLY A 512 18.06 -19.58 -26.82
CA GLY A 512 19.20 -20.28 -26.27
C GLY A 512 19.33 -20.22 -24.77
N VAL A 513 18.30 -19.73 -24.07
CA VAL A 513 18.35 -19.67 -22.62
C VAL A 513 18.21 -21.07 -22.04
N SER A 514 19.14 -21.44 -21.17
CA SER A 514 19.11 -22.75 -20.54
C SER A 514 19.24 -22.56 -19.02
N ALA A 515 18.45 -23.33 -18.29
CA ALA A 515 18.36 -23.23 -16.84
C ALA A 515 19.19 -24.32 -16.18
N GLU A 516 19.08 -24.43 -14.86
CA GLU A 516 19.77 -25.48 -14.12
C GLU A 516 19.31 -26.85 -14.60
N LYS A 517 20.27 -27.78 -14.69
CA LYS A 517 20.02 -29.06 -15.34
C LYS A 517 18.93 -29.85 -14.61
N SER A 518 19.05 -29.98 -13.28
CA SER A 518 18.12 -30.83 -12.54
C SER A 518 16.73 -30.24 -12.46
N ILE A 519 16.56 -28.98 -12.86
CA ILE A 519 15.26 -28.32 -12.86
C ILE A 519 14.73 -28.15 -14.28
N ASN A 520 15.60 -27.73 -15.21
CA ASN A 520 15.24 -27.72 -16.62
C ASN A 520 14.74 -29.10 -17.06
N SER A 521 15.46 -30.15 -16.67
CA SER A 521 15.06 -31.51 -17.02
C SER A 521 13.67 -31.82 -16.50
N THR A 522 13.40 -31.47 -15.23
CA THR A 522 12.09 -31.77 -14.66
C THR A 522 11.00 -30.98 -15.35
N PHE A 523 11.29 -29.72 -15.71
CA PHE A 523 10.31 -28.92 -16.43
C PHE A 523 9.94 -29.58 -17.76
N TYR A 524 10.94 -29.91 -18.57
CA TYR A 524 10.64 -30.46 -19.88
C TYR A 524 9.99 -31.83 -19.75
N LEU A 525 10.38 -32.61 -18.74
CA LEU A 525 9.69 -33.85 -18.47
C LEU A 525 8.22 -33.61 -18.16
N LEU A 526 7.94 -32.58 -17.36
CA LEU A 526 6.55 -32.28 -17.02
C LEU A 526 5.76 -31.89 -18.25
N LEU A 527 6.37 -31.13 -19.16
CA LEU A 527 5.65 -30.71 -20.36
C LEU A 527 5.41 -31.89 -21.30
N ASP A 528 6.43 -32.70 -21.54
CA ASP A 528 6.22 -33.90 -22.34
C ASP A 528 5.15 -34.77 -21.72
N LEU A 529 5.09 -34.82 -20.40
CA LEU A 529 4.07 -35.61 -19.73
C LEU A 529 2.71 -34.99 -19.91
N ILE A 530 2.64 -33.65 -19.92
CA ILE A 530 1.39 -32.97 -20.25
C ILE A 530 0.86 -33.49 -21.57
N THR A 531 1.70 -33.41 -22.61
CA THR A 531 1.28 -33.84 -23.94
C THR A 531 0.90 -35.32 -23.95
N PHE A 532 1.69 -36.15 -23.27
CA PHE A 532 1.38 -37.56 -23.16
C PHE A 532 -0.02 -37.77 -22.59
N PHE A 533 -0.32 -37.09 -21.49
CA PHE A 533 -1.62 -37.28 -20.86
C PHE A 533 -2.74 -36.69 -21.69
N ASP A 534 -2.49 -35.60 -22.42
CA ASP A 534 -3.49 -35.10 -23.35
C ASP A 534 -3.83 -36.16 -24.38
N GLU A 535 -2.81 -36.80 -24.95
CA GLU A 535 -3.07 -37.84 -25.94
C GLU A 535 -3.75 -39.04 -25.31
N TYR A 536 -3.39 -39.36 -24.07
CA TYR A 536 -4.00 -40.48 -23.36
C TYR A 536 -5.48 -40.24 -23.16
N HIS A 537 -5.82 -39.20 -22.39
CA HIS A 537 -7.20 -38.77 -22.24
C HIS A 537 -7.93 -38.73 -23.59
N ALA A 538 -7.25 -38.20 -24.60
CA ALA A 538 -7.86 -38.08 -25.92
C ALA A 538 -8.22 -39.43 -26.48
N GLY A 539 -7.42 -40.45 -26.21
CA GLY A 539 -7.72 -41.79 -26.65
C GLY A 539 -6.82 -42.35 -27.73
N HIS A 540 -5.61 -41.83 -27.88
CA HIS A 540 -4.65 -42.39 -28.82
C HIS A 540 -3.72 -43.31 -28.04
N ILE A 541 -3.86 -44.61 -28.27
CA ILE A 541 -3.14 -45.59 -27.45
C ILE A 541 -1.66 -45.61 -27.83
N ASP A 542 -1.36 -45.96 -29.09
CA ASP A 542 0.01 -46.19 -29.50
C ASP A 542 0.85 -44.92 -29.46
N LEU A 543 0.23 -43.77 -29.72
CA LEU A 543 0.95 -42.51 -29.66
C LEU A 543 1.46 -42.25 -28.25
N SER A 544 0.54 -42.15 -27.29
CA SER A 544 0.92 -42.02 -25.89
C SER A 544 1.88 -43.13 -25.47
N PHE A 545 1.76 -44.31 -26.09
CA PHE A 545 2.60 -45.43 -25.69
C PHE A 545 4.05 -45.22 -26.10
N ASP A 546 4.29 -44.79 -27.35
CA ASP A 546 5.67 -44.50 -27.71
C ASP A 546 6.19 -43.29 -26.94
N VAL A 547 5.30 -42.36 -26.59
CA VAL A 547 5.71 -41.24 -25.73
C VAL A 547 6.24 -41.76 -24.40
N ILE A 548 5.46 -42.63 -23.73
CA ILE A 548 5.89 -43.12 -22.43
C ILE A 548 7.12 -44.00 -22.57
N GLU A 549 7.26 -44.69 -23.70
CA GLU A 549 8.49 -45.44 -23.96
C GLU A 549 9.69 -44.51 -23.96
N ARG A 550 9.62 -43.44 -24.75
CA ARG A 550 10.77 -42.57 -24.94
C ARG A 550 10.98 -41.61 -23.78
N LEU A 551 10.38 -41.89 -22.62
CA LEU A 551 10.63 -41.14 -21.41
C LEU A 551 11.53 -41.87 -20.42
N LYS A 552 11.59 -43.19 -20.49
CA LYS A 552 12.43 -44.02 -19.61
C LYS A 552 12.10 -43.78 -18.14
N LEU A 553 10.81 -43.64 -17.87
CA LEU A 553 10.30 -43.52 -16.52
C LEU A 553 9.70 -44.82 -15.99
N VAL A 554 9.36 -45.75 -16.87
CA VAL A 554 8.67 -46.97 -16.48
C VAL A 554 9.37 -48.18 -17.10
N PRO A 555 9.23 -49.35 -16.50
CA PRO A 555 9.78 -50.58 -17.09
C PRO A 555 9.40 -50.83 -18.55
N LEU A 556 10.40 -51.15 -19.35
CA LEU A 556 10.19 -51.68 -20.69
C LEU A 556 10.73 -53.09 -20.87
N SER A 557 11.77 -53.47 -20.15
CA SER A 557 12.33 -54.81 -20.25
C SER A 557 12.75 -55.26 -18.85
N GLN A 558 12.58 -56.56 -18.60
CA GLN A 558 12.82 -57.15 -17.28
C GLN A 558 14.28 -57.08 -16.87
N ASP A 559 15.19 -56.74 -17.78
CA ASP A 559 16.60 -56.53 -17.45
C ASP A 559 16.93 -55.05 -17.35
N SER A 560 15.95 -54.19 -17.55
CA SER A 560 16.12 -52.75 -17.37
C SER A 560 15.44 -52.21 -16.13
N VAL A 561 14.44 -52.93 -15.59
CA VAL A 561 13.73 -52.46 -14.41
C VAL A 561 14.67 -52.24 -13.24
N GLU A 562 15.77 -53.00 -13.17
CA GLU A 562 16.73 -52.79 -12.11
C GLU A 562 17.38 -51.42 -12.23
N GLU A 563 17.56 -50.95 -13.46
CA GLU A 563 18.03 -49.59 -13.69
C GLU A 563 16.91 -48.57 -13.52
N ARG A 564 15.68 -48.93 -13.87
CA ARG A 564 14.55 -48.06 -13.59
C ARG A 564 14.49 -47.72 -12.12
N VAL A 565 14.70 -48.72 -11.25
CA VAL A 565 14.73 -48.47 -9.81
C VAL A 565 15.85 -47.50 -9.46
N ALA A 566 16.97 -47.55 -10.17
CA ALA A 566 18.07 -46.64 -9.93
C ALA A 566 17.82 -45.25 -10.49
N ALA A 567 16.88 -45.11 -11.44
CA ALA A 567 16.67 -43.83 -12.10
C ALA A 567 16.15 -42.78 -11.13
N PHE A 568 15.21 -43.15 -10.26
CA PHE A 568 14.71 -42.21 -9.28
C PHE A 568 15.66 -42.16 -8.09
N ARG A 569 15.17 -41.57 -6.99
CA ARG A 569 15.96 -41.01 -5.90
C ARG A 569 16.61 -39.71 -6.35
N ASN A 570 16.23 -39.23 -7.53
CA ASN A 570 16.65 -37.95 -8.06
C ASN A 570 15.43 -37.25 -8.64
N PHE A 571 14.28 -37.92 -8.54
CA PHE A 571 13.02 -37.37 -9.02
C PHE A 571 12.39 -36.53 -7.93
N SER A 572 12.12 -35.27 -8.25
CA SER A 572 11.58 -34.32 -7.29
C SER A 572 10.15 -34.69 -6.92
N ASP A 573 9.58 -33.89 -6.00
CA ASP A 573 8.21 -34.13 -5.55
C ASP A 573 7.23 -34.12 -6.69
N GLU A 574 7.51 -33.37 -7.75
CA GLU A 574 6.61 -33.29 -8.89
C GLU A 574 6.32 -34.68 -9.44
N ILE A 575 7.37 -35.40 -9.84
CA ILE A 575 7.22 -36.76 -10.34
C ILE A 575 6.46 -37.63 -9.34
N ARG A 576 6.72 -37.45 -8.05
CA ARG A 576 6.03 -38.24 -7.04
C ARG A 576 4.53 -37.99 -7.09
N HIS A 577 4.12 -36.74 -7.14
CA HIS A 577 2.71 -36.38 -7.02
C HIS A 577 1.89 -36.79 -8.20
N ASN A 578 2.48 -37.45 -9.20
CA ASN A 578 1.69 -37.96 -10.30
C ASN A 578 2.04 -39.38 -10.71
N LEU A 579 3.16 -39.95 -10.23
CA LEU A 579 3.53 -41.32 -10.59
C LEU A 579 2.37 -42.28 -10.46
N SER A 580 1.52 -42.10 -9.44
CA SER A 580 0.34 -42.94 -9.28
C SER A 580 -0.46 -42.98 -10.57
N GLU A 581 -0.92 -41.81 -11.01
CA GLU A 581 -1.77 -41.76 -12.19
C GLU A 581 -1.00 -42.12 -13.44
N ILE A 582 0.31 -41.83 -13.47
CA ILE A 582 1.14 -42.25 -14.60
C ILE A 582 1.06 -43.75 -14.78
N LEU A 583 1.41 -44.49 -13.73
CA LEU A 583 1.40 -45.94 -13.78
C LEU A 583 0.01 -46.48 -14.07
N LEU A 584 -1.00 -45.87 -13.44
CA LEU A 584 -2.37 -46.32 -13.67
C LEU A 584 -2.75 -46.19 -15.14
N ALA A 585 -2.51 -45.02 -15.73
CA ALA A 585 -2.85 -44.81 -17.13
C ALA A 585 -2.08 -45.75 -18.04
N THR A 586 -0.79 -45.96 -17.78
CA THR A 586 -0.01 -46.88 -18.58
C THR A 586 -0.62 -48.28 -18.54
N MET A 587 -0.96 -48.74 -17.33
CA MET A 587 -1.59 -50.05 -17.19
C MET A 587 -2.91 -50.08 -17.95
N ASN A 588 -3.64 -48.98 -17.95
CA ASN A 588 -4.87 -48.91 -18.72
C ASN A 588 -4.61 -49.13 -20.20
N ILE A 589 -3.58 -48.47 -20.72
CA ILE A 589 -3.22 -48.64 -22.13
C ILE A 589 -2.94 -50.10 -22.42
N LEU A 590 -2.08 -50.72 -21.60
CA LEU A 590 -1.71 -52.11 -21.83
C LEU A 590 -2.93 -53.01 -21.79
N PHE A 591 -3.80 -52.83 -20.80
CA PHE A 591 -4.96 -53.70 -20.66
C PHE A 591 -5.93 -53.52 -21.81
N THR A 592 -6.13 -52.28 -22.25
CA THR A 592 -6.98 -52.04 -23.41
C THR A 592 -6.43 -52.76 -24.63
N GLN A 593 -5.12 -52.62 -24.87
CA GLN A 593 -4.53 -53.30 -26.02
C GLN A 593 -4.68 -54.81 -25.91
N TYR A 594 -4.51 -55.36 -24.70
CA TYR A 594 -4.57 -56.80 -24.53
C TYR A 594 -5.97 -57.33 -24.77
N LYS A 595 -6.98 -56.71 -24.18
CA LYS A 595 -8.34 -57.18 -24.36
C LYS A 595 -8.82 -56.95 -25.79
N ARG A 596 -8.35 -55.87 -26.42
CA ARG A 596 -8.73 -55.60 -27.80
C ARG A 596 -7.85 -56.33 -28.81
N LEU A 597 -6.73 -56.91 -28.36
CA LEU A 597 -5.87 -57.68 -29.25
C LEU A 597 -6.64 -58.83 -29.87
N ASP A 614 -0.08 -64.03 -28.79
CA ASP A 614 1.36 -64.03 -29.02
C ASP A 614 1.99 -62.74 -28.49
N LYS A 615 1.45 -61.60 -28.91
CA LYS A 615 1.93 -60.32 -28.42
C LYS A 615 1.61 -60.14 -26.93
N ASP A 616 0.51 -60.74 -26.48
CA ASP A 616 0.11 -60.60 -25.08
C ASP A 616 1.19 -61.11 -24.14
N SER A 617 2.06 -62.00 -24.60
CA SER A 617 3.22 -62.38 -23.80
C SER A 617 4.10 -61.17 -23.51
N VAL A 618 4.48 -60.44 -24.56
CA VAL A 618 5.27 -59.22 -24.39
C VAL A 618 4.53 -58.23 -23.51
N LEU A 619 3.24 -58.05 -23.77
CA LEU A 619 2.47 -57.05 -23.03
C LEU A 619 2.43 -57.38 -21.55
N ARG A 620 2.09 -58.62 -21.20
CA ARG A 620 1.99 -59.01 -19.80
C ARG A 620 3.36 -59.08 -19.14
N SER A 621 4.42 -59.29 -19.93
CA SER A 621 5.77 -59.25 -19.35
C SER A 621 6.14 -57.82 -18.98
N GLN A 622 5.89 -56.87 -19.88
CA GLN A 622 5.98 -55.46 -19.52
C GLN A 622 5.13 -55.16 -18.29
N ALA A 623 3.95 -55.78 -18.21
CA ALA A 623 3.05 -55.53 -17.10
C ALA A 623 3.65 -55.98 -15.77
N ARG A 624 4.15 -57.22 -15.71
CA ARG A 624 4.76 -57.70 -14.48
C ARG A 624 6.03 -56.94 -14.15
N ALA A 625 6.75 -56.46 -15.16
CA ALA A 625 7.87 -55.55 -14.90
C ALA A 625 7.39 -54.28 -14.22
N LEU A 626 6.29 -53.70 -14.72
CA LEU A 626 5.69 -52.54 -14.07
C LEU A 626 5.30 -52.86 -12.64
N ILE A 627 4.76 -54.05 -12.42
CA ILE A 627 4.38 -54.46 -11.06
C ILE A 627 5.60 -54.47 -10.15
N THR A 628 6.67 -55.12 -10.60
CA THR A 628 7.91 -55.14 -9.82
C THR A 628 8.39 -53.74 -9.53
N PHE A 629 8.29 -52.84 -10.51
CA PHE A 629 8.63 -51.44 -10.27
C PHE A 629 7.79 -50.87 -9.14
N ALA A 630 6.47 -50.85 -9.31
CA ALA A 630 5.58 -50.42 -8.24
C ALA A 630 5.77 -51.27 -6.99
N GLY A 631 6.14 -52.54 -7.18
CA GLY A 631 6.41 -53.40 -6.03
C GLY A 631 7.55 -52.94 -5.15
N MET A 632 8.37 -51.99 -5.63
CA MET A 632 9.45 -51.50 -4.79
C MET A 632 9.62 -49.98 -4.86
N ILE A 633 8.55 -49.22 -4.98
CA ILE A 633 8.66 -47.76 -4.99
C ILE A 633 8.55 -47.23 -3.56
N PRO A 634 9.54 -46.47 -3.09
CA PRO A 634 9.38 -45.78 -1.80
C PRO A 634 8.56 -44.51 -1.95
N TYR A 635 8.40 -44.07 -3.20
CA TYR A 635 7.71 -42.81 -3.48
C TYR A 635 6.22 -42.92 -3.22
N ARG A 636 5.54 -41.79 -3.38
CA ARG A 636 4.11 -41.67 -3.17
C ARG A 636 3.32 -42.74 -3.88
N MET A 637 2.21 -43.18 -3.29
CA MET A 637 1.24 -44.03 -3.95
C MET A 637 -0.07 -43.90 -3.20
N SER A 638 -1.00 -44.79 -3.52
CA SER A 638 -2.15 -45.07 -2.66
C SER A 638 -2.27 -46.58 -2.50
N GLY A 639 -3.10 -46.98 -1.54
CA GLY A 639 -3.40 -48.40 -1.42
C GLY A 639 -4.19 -48.90 -2.62
N ASP A 640 -5.21 -48.14 -3.02
CA ASP A 640 -5.96 -48.47 -4.22
C ASP A 640 -5.06 -48.47 -5.45
N THR A 641 -3.96 -47.72 -5.41
CA THR A 641 -3.03 -47.71 -6.53
C THR A 641 -2.52 -49.12 -6.80
N ASN A 642 -1.80 -49.69 -5.83
CA ASN A 642 -1.28 -51.04 -5.99
C ASN A 642 -2.40 -52.05 -6.09
N ALA A 643 -3.53 -51.79 -5.44
CA ALA A 643 -4.68 -52.67 -5.55
C ALA A 643 -5.11 -52.83 -7.01
N ARG A 644 -5.45 -51.72 -7.67
CA ARG A 644 -5.81 -51.75 -9.08
C ARG A 644 -4.68 -52.31 -9.93
N LEU A 645 -3.44 -51.95 -9.61
CA LEU A 645 -2.31 -52.46 -10.38
C LEU A 645 -2.30 -53.98 -10.40
N VAL A 646 -2.18 -54.59 -9.22
CA VAL A 646 -2.09 -56.04 -9.13
C VAL A 646 -3.39 -56.69 -9.58
N GLN A 647 -4.53 -56.01 -9.41
CA GLN A 647 -5.80 -56.59 -9.82
C GLN A 647 -5.87 -56.72 -11.33
N MET A 648 -5.60 -55.63 -12.04
CA MET A 648 -5.55 -55.68 -13.49
C MET A 648 -4.48 -56.64 -13.96
N GLU A 649 -3.38 -56.72 -13.21
CA GLU A 649 -2.31 -57.66 -13.53
C GLU A 649 -2.81 -59.10 -13.53
N VAL A 650 -3.36 -59.55 -12.40
CA VAL A 650 -3.82 -60.93 -12.31
C VAL A 650 -5.06 -61.16 -13.16
N LEU A 651 -5.79 -60.11 -13.52
CA LEU A 651 -6.98 -60.29 -14.34
C LEU A 651 -6.62 -60.50 -15.80
N MET A 652 -5.71 -59.69 -16.33
CA MET A 652 -5.22 -59.94 -17.67
C MET A 652 -4.48 -61.27 -17.75
N ASN A 653 -3.99 -61.75 -16.62
CA ASN A 653 -3.39 -63.08 -16.54
C ASN A 653 -4.47 -64.15 -16.69
N GLN B 2 -6.47 -8.14 18.49
CA GLN B 2 -7.36 -7.23 17.80
C GLN B 2 -8.31 -6.54 18.77
N VAL B 3 -8.47 -5.24 18.61
CA VAL B 3 -9.32 -4.43 19.46
C VAL B 3 -10.46 -3.88 18.61
N GLN B 4 -11.56 -4.60 18.56
CA GLN B 4 -12.63 -4.24 17.64
C GLN B 4 -13.51 -3.16 18.27
N LEU B 5 -14.65 -2.89 17.63
CA LEU B 5 -15.53 -1.80 18.04
C LEU B 5 -16.96 -2.17 17.71
N VAL B 6 -17.91 -1.64 18.49
CA VAL B 6 -19.32 -1.72 18.15
C VAL B 6 -19.84 -0.31 17.93
N GLU B 7 -20.43 -0.07 16.76
CA GLU B 7 -20.93 1.24 16.36
C GLU B 7 -22.43 1.11 16.16
N SER B 8 -23.21 1.56 17.15
CA SER B 8 -24.63 1.23 17.22
C SER B 8 -25.45 2.48 17.49
N GLY B 9 -26.77 2.30 17.52
CA GLY B 9 -27.68 3.37 17.84
C GLY B 9 -28.42 3.98 16.67
N GLY B 10 -28.36 3.35 15.50
CA GLY B 10 -28.96 3.90 14.30
C GLY B 10 -30.44 3.66 14.22
N GLY B 11 -30.91 3.33 13.02
CA GLY B 11 -32.30 3.07 12.75
C GLY B 11 -32.89 4.07 11.79
N VAL B 12 -34.22 4.07 11.70
CA VAL B 12 -34.95 4.98 10.84
C VAL B 12 -35.71 5.96 11.71
N VAL B 13 -35.57 7.25 11.42
CA VAL B 13 -36.23 8.32 12.17
C VAL B 13 -36.76 9.33 11.16
N GLN B 14 -37.42 10.37 11.66
CA GLN B 14 -38.04 11.39 10.83
C GLN B 14 -37.27 12.70 10.90
N THR B 15 -37.66 13.64 10.03
CA THR B 15 -36.97 14.92 9.91
C THR B 15 -37.06 15.72 11.21
N GLY B 16 -36.05 16.55 11.45
CA GLY B 16 -36.07 17.46 12.58
C GLY B 16 -35.95 16.79 13.93
N ASP B 17 -35.69 15.50 13.97
CA ASP B 17 -35.56 14.76 15.21
C ASP B 17 -34.09 14.71 15.64
N SER B 18 -33.85 14.14 16.81
CA SER B 18 -32.51 14.08 17.39
C SER B 18 -32.14 12.63 17.66
N LEU B 19 -31.00 12.21 17.12
CA LEU B 19 -30.55 10.83 17.23
C LEU B 19 -29.25 10.78 18.02
N MET B 20 -29.14 9.78 18.90
CA MET B 20 -27.99 9.57 19.75
C MET B 20 -27.29 8.30 19.28
N LEU B 21 -26.12 8.46 18.65
CA LEU B 21 -25.35 7.34 18.11
C LEU B 21 -24.20 7.04 19.06
N SER B 22 -24.01 5.77 19.39
CA SER B 22 -23.01 5.38 20.36
C SER B 22 -21.98 4.45 19.74
N CYS B 23 -20.83 4.39 20.38
CA CYS B 23 -19.78 3.45 20.03
C CYS B 23 -19.12 2.96 21.31
N THR B 24 -18.82 1.67 21.35
CA THR B 24 -18.15 1.07 22.48
C THR B 24 -16.91 0.35 22.01
N VAL B 25 -15.77 0.72 22.60
CA VAL B 25 -14.51 0.04 22.34
C VAL B 25 -14.60 -1.41 22.77
N SER B 26 -13.86 -2.28 22.07
CA SER B 26 -13.86 -3.70 22.38
C SER B 26 -12.40 -4.16 22.50
N GLY B 27 -11.85 -4.02 23.70
CA GLY B 27 -10.57 -4.61 24.04
C GLY B 27 -9.40 -3.68 24.28
N HIS B 28 -9.64 -2.48 24.81
CA HIS B 28 -8.55 -1.55 25.08
C HIS B 28 -9.05 -0.40 25.95
N THR B 29 -8.10 0.39 26.42
CA THR B 29 -8.37 1.59 27.21
C THR B 29 -8.18 2.82 26.34
N ILE B 30 -9.26 3.56 26.10
CA ILE B 30 -9.21 4.74 25.26
C ILE B 30 -8.94 5.96 26.13
N ASP B 31 -7.66 6.22 26.41
CA ASP B 31 -7.28 7.43 27.13
C ASP B 31 -6.15 8.12 26.39
N ASN B 32 -5.51 7.39 25.48
CA ASN B 32 -4.46 7.94 24.63
C ASN B 32 -4.97 8.31 23.25
N TRP B 33 -5.99 7.64 22.76
CA TRP B 33 -6.47 7.81 21.40
C TRP B 33 -7.41 8.99 21.30
N ALA B 34 -7.70 9.38 20.07
CA ALA B 34 -8.79 10.30 19.79
C ALA B 34 -9.89 9.55 19.07
N MET B 35 -11.08 10.13 19.02
CA MET B 35 -12.22 9.45 18.45
C MET B 35 -12.73 10.21 17.24
N GLY B 36 -13.31 9.48 16.29
CA GLY B 36 -13.87 10.13 15.13
C GLY B 36 -15.13 9.50 14.58
N TRP B 37 -16.15 10.31 14.35
CA TRP B 37 -17.43 9.86 13.80
C TRP B 37 -17.51 10.36 12.36
N PHE B 38 -17.37 9.44 11.41
CA PHE B 38 -17.50 9.69 9.98
C PHE B 38 -18.81 9.12 9.48
N ARG B 39 -19.09 9.33 8.20
CA ARG B 39 -20.30 8.81 7.59
C ARG B 39 -20.00 8.34 6.18
N GLN B 40 -20.62 7.24 5.79
CA GLN B 40 -20.57 6.74 4.42
C GLN B 40 -21.93 6.93 3.79
N THR B 41 -21.95 7.69 2.69
CA THR B 41 -23.13 7.95 1.88
C THR B 41 -22.85 7.43 0.47
N PRO B 42 -23.86 7.36 -0.40
CA PRO B 42 -23.57 7.07 -1.82
C PRO B 42 -22.99 8.28 -2.54
N ARG B 43 -23.11 9.46 -1.93
CA ARG B 43 -22.58 10.66 -2.55
C ARG B 43 -21.08 10.55 -2.80
N LYS B 44 -20.34 10.06 -1.82
CA LYS B 44 -18.90 9.82 -1.91
C LYS B 44 -18.62 8.40 -1.46
N GLN B 45 -17.35 8.08 -1.26
CA GLN B 45 -17.03 6.85 -0.54
C GLN B 45 -17.00 7.11 0.96
N ARG B 46 -16.35 8.18 1.39
CA ARG B 46 -16.33 8.57 2.78
C ARG B 46 -16.40 10.09 2.88
N GLU B 47 -16.83 10.56 4.04
CA GLU B 47 -16.74 11.97 4.39
C GLU B 47 -16.45 12.07 5.88
N PHE B 48 -16.35 13.30 6.37
CA PHE B 48 -16.10 13.55 7.77
C PHE B 48 -17.31 14.20 8.41
N VAL B 49 -17.53 13.90 9.69
CA VAL B 49 -18.61 14.53 10.44
C VAL B 49 -18.03 15.23 11.67
N ALA B 50 -17.41 14.45 12.56
CA ALA B 50 -16.94 15.03 13.82
C ALA B 50 -15.72 14.25 14.30
N ALA B 51 -14.87 14.92 15.08
CA ALA B 51 -13.74 14.23 15.69
C ALA B 51 -13.35 14.93 16.98
N ILE B 52 -13.19 14.15 18.04
CA ILE B 52 -12.92 14.65 19.38
C ILE B 52 -11.53 14.18 19.82
N ASP B 53 -10.83 15.05 20.53
CA ASP B 53 -9.47 14.79 20.94
C ASP B 53 -9.43 13.86 22.16
N LYS B 54 -8.21 13.62 22.63
CA LYS B 54 -7.98 12.66 23.69
C LYS B 54 -8.29 13.19 25.08
N ARG B 55 -8.46 14.50 25.23
CA ARG B 55 -8.79 15.06 26.54
C ARG B 55 -10.29 15.16 26.76
N GLY B 56 -11.11 14.83 25.76
CA GLY B 56 -12.53 15.02 25.88
C GLY B 56 -12.94 16.48 25.95
N THR B 57 -12.02 17.38 25.64
CA THR B 57 -12.24 18.82 25.76
C THR B 57 -11.99 19.45 24.39
N GLY B 58 -13.07 19.72 23.67
CA GLY B 58 -12.97 20.32 22.36
C GLY B 58 -12.96 19.29 21.24
N ALA B 59 -13.44 19.72 20.07
CA ALA B 59 -13.56 18.82 18.93
C ALA B 59 -13.74 19.65 17.66
N ILE B 60 -13.47 19.00 16.54
CA ILE B 60 -13.62 19.61 15.22
C ILE B 60 -14.85 19.03 14.55
N TYR B 61 -15.67 19.90 13.96
CA TYR B 61 -16.85 19.52 13.23
C TYR B 61 -16.67 19.82 11.75
N GLY B 62 -17.38 19.06 10.92
CA GLY B 62 -17.11 19.03 9.50
C GLY B 62 -17.38 20.30 8.73
N ASN B 63 -17.37 20.20 7.41
CA ASN B 63 -17.49 21.32 6.50
C ASN B 63 -18.91 21.87 6.39
N SER B 64 -19.92 21.10 6.78
CA SER B 64 -21.29 21.50 6.57
C SER B 64 -22.11 21.41 7.85
N VAL B 65 -21.67 20.56 8.78
CA VAL B 65 -22.45 20.24 9.96
C VAL B 65 -22.17 21.18 11.11
N LYS B 66 -21.50 22.29 10.87
CA LYS B 66 -21.11 23.19 11.94
C LYS B 66 -22.33 23.79 12.62
N GLY B 67 -22.46 23.54 13.91
CA GLY B 67 -23.52 24.16 14.68
C GLY B 67 -24.84 23.41 14.65
N ARG B 68 -24.80 22.10 14.48
CA ARG B 68 -25.99 21.28 14.58
C ARG B 68 -25.81 19.99 15.37
N PHE B 69 -24.58 19.60 15.68
CA PHE B 69 -24.31 18.30 16.27
C PHE B 69 -23.58 18.46 17.60
N THR B 70 -23.27 17.33 18.22
CA THR B 70 -22.49 17.33 19.44
C THR B 70 -21.80 15.98 19.56
N VAL B 71 -20.57 16.00 20.07
CA VAL B 71 -19.79 14.79 20.25
C VAL B 71 -19.18 14.80 21.65
N SER B 72 -18.95 13.60 22.19
CA SER B 72 -18.31 13.46 23.48
C SER B 72 -17.68 12.08 23.57
N ARG B 73 -16.73 11.95 24.49
CA ARG B 73 -16.14 10.66 24.77
C ARG B 73 -16.10 10.45 26.27
N ASP B 74 -16.51 9.27 26.71
CA ASP B 74 -16.55 8.92 28.12
C ASP B 74 -15.46 7.88 28.37
N ASN B 75 -14.31 8.35 28.85
CA ASN B 75 -13.24 7.45 29.24
C ASN B 75 -13.69 6.55 30.38
N ALA B 76 -14.33 7.12 31.40
CA ALA B 76 -14.87 6.32 32.49
C ALA B 76 -15.93 5.34 32.02
N LYS B 77 -16.56 5.60 30.87
CA LYS B 77 -17.49 4.66 30.27
C LYS B 77 -16.96 4.01 29.01
N ASN B 78 -15.78 4.41 28.52
CA ASN B 78 -15.18 3.85 27.32
C ASN B 78 -16.14 3.91 26.13
N MET B 79 -16.84 5.03 26.01
CA MET B 79 -17.87 5.18 24.99
C MET B 79 -17.63 6.44 24.17
N VAL B 80 -18.20 6.45 22.97
CA VAL B 80 -18.17 7.60 22.07
C VAL B 80 -19.61 7.96 21.73
N TYR B 81 -19.97 9.23 21.90
CA TYR B 81 -21.34 9.69 21.75
C TYR B 81 -21.41 10.77 20.69
N LEU B 82 -22.33 10.62 19.75
CA LEU B 82 -22.64 11.66 18.78
C LEU B 82 -24.14 11.89 18.81
N ARG B 83 -24.56 13.04 19.34
CA ARG B 83 -25.96 13.39 19.42
C ARG B 83 -26.24 14.51 18.43
N MET B 84 -27.24 14.30 17.58
CA MET B 84 -27.49 15.20 16.47
C MET B 84 -28.76 16.00 16.73
N ASN B 85 -29.00 16.98 15.86
CA ASN B 85 -30.18 17.83 15.93
C ASN B 85 -30.48 18.38 14.54
N SER B 86 -31.77 18.42 14.21
CA SER B 86 -32.23 18.99 12.95
C SER B 86 -31.59 18.29 11.75
N LEU B 87 -31.89 17.01 11.58
CA LEU B 87 -31.29 16.20 10.53
C LEU B 87 -31.79 16.64 9.15
N LYS B 88 -31.16 16.10 8.12
CA LYS B 88 -31.45 16.40 6.73
C LYS B 88 -31.67 15.11 5.96
N PRO B 89 -32.46 15.16 4.87
CA PRO B 89 -32.72 13.93 4.10
C PRO B 89 -31.47 13.19 3.67
N GLU B 90 -30.41 13.92 3.33
CA GLU B 90 -29.18 13.31 2.84
C GLU B 90 -28.54 12.39 3.87
N ASP B 91 -28.89 12.52 5.14
CA ASP B 91 -28.17 11.80 6.19
C ASP B 91 -28.45 10.31 6.21
N THR B 92 -29.26 9.78 5.30
CA THR B 92 -29.42 8.34 5.22
C THR B 92 -28.09 7.73 4.83
N ALA B 93 -27.42 7.11 5.79
CA ALA B 93 -26.00 6.80 5.63
C ALA B 93 -25.57 5.89 6.77
N VAL B 94 -24.39 5.31 6.65
CA VAL B 94 -23.87 4.44 7.69
C VAL B 94 -22.72 5.17 8.39
N TYR B 95 -22.88 5.41 9.68
CA TYR B 95 -21.95 6.22 10.45
C TYR B 95 -20.93 5.31 11.13
N PHE B 96 -19.66 5.68 11.00
CA PHE B 96 -18.52 4.90 11.48
C PHE B 96 -17.86 5.65 12.62
N CYS B 97 -17.26 4.91 13.55
CA CYS B 97 -16.55 5.50 14.67
C CYS B 97 -15.18 4.86 14.80
N ALA B 98 -14.14 5.61 14.45
CA ALA B 98 -12.79 5.08 14.36
C ALA B 98 -11.89 5.76 15.38
N VAL B 99 -10.66 5.24 15.46
CA VAL B 99 -9.71 5.60 16.50
C VAL B 99 -8.49 6.25 15.87
N ASP B 100 -7.93 7.23 16.58
CA ASP B 100 -6.72 7.93 16.17
C ASP B 100 -5.63 7.63 17.18
N GLN B 101 -4.49 7.12 16.71
CA GLN B 101 -3.33 6.90 17.54
C GLN B 101 -2.21 7.91 17.28
N LEU B 102 -2.26 8.64 16.18
CA LEU B 102 -1.11 9.39 15.68
C LEU B 102 -0.56 10.38 16.70
N ASN B 103 -1.30 10.66 17.77
CA ASN B 103 -0.80 11.43 18.91
C ASN B 103 -0.45 12.86 18.50
N ALA B 104 -1.29 13.40 17.62
CA ALA B 104 -1.15 14.79 17.22
C ALA B 104 -2.39 15.30 16.50
N GLY B 105 -2.92 16.43 16.94
CA GLY B 105 -3.98 17.09 16.22
C GLY B 105 -5.30 16.35 16.29
N LEU B 106 -6.22 16.80 15.43
CA LEU B 106 -7.54 16.20 15.29
C LEU B 106 -7.83 15.99 13.82
N GLY B 107 -7.42 14.84 13.29
CA GLY B 107 -7.54 14.57 11.87
C GLY B 107 -8.97 14.63 11.39
N ASP B 108 -9.10 14.93 10.09
CA ASP B 108 -10.43 15.05 9.51
C ASP B 108 -10.45 14.34 8.16
N VAL B 109 -9.42 13.56 7.88
CA VAL B 109 -9.34 12.74 6.68
C VAL B 109 -9.40 11.28 7.09
N SER B 110 -10.06 10.46 6.27
CA SER B 110 -10.35 9.08 6.63
C SER B 110 -9.08 8.31 6.98
N TYR B 111 -8.13 8.27 6.06
CA TYR B 111 -7.05 7.29 6.12
C TYR B 111 -6.27 7.37 7.42
N ASP B 112 -6.23 8.54 8.06
CA ASP B 112 -5.41 8.73 9.23
C ASP B 112 -5.70 7.74 10.36
N TYR B 113 -6.83 7.06 10.32
CA TYR B 113 -7.27 6.20 11.42
C TYR B 113 -7.09 4.74 11.03
N ASP B 114 -6.75 3.90 12.01
CA ASP B 114 -6.42 2.51 11.74
C ASP B 114 -7.59 1.56 11.94
N TYR B 115 -8.11 1.49 13.17
CA TYR B 115 -9.16 0.52 13.47
C TYR B 115 -10.53 1.10 13.18
N TRP B 116 -11.50 0.20 13.03
CA TRP B 116 -12.87 0.59 12.74
C TRP B 116 -13.82 -0.45 13.31
N GLY B 117 -15.08 -0.06 13.48
CA GLY B 117 -16.10 -1.00 13.86
C GLY B 117 -16.71 -1.64 12.63
N GLN B 118 -18.03 -1.56 12.49
CA GLN B 118 -18.71 -2.03 11.29
C GLN B 118 -19.70 -1.01 10.74
N GLY B 119 -20.12 -0.04 11.53
CA GLY B 119 -21.05 0.97 11.08
C GLY B 119 -22.41 0.84 11.75
N THR B 120 -23.12 1.97 11.78
CA THR B 120 -24.53 1.98 12.16
C THR B 120 -25.33 2.69 11.08
N GLN B 121 -26.32 2.00 10.53
CA GLN B 121 -27.12 2.56 9.44
C GLN B 121 -28.20 3.46 10.01
N VAL B 122 -28.42 4.61 9.37
CA VAL B 122 -29.47 5.52 9.74
C VAL B 122 -30.20 5.94 8.48
N THR B 123 -31.50 6.17 8.62
CA THR B 123 -32.35 6.56 7.51
C THR B 123 -33.38 7.57 8.00
N VAL B 124 -33.31 8.79 7.48
CA VAL B 124 -34.26 9.82 7.81
C VAL B 124 -35.33 9.86 6.73
N SER B 125 -36.59 9.83 7.14
CA SER B 125 -37.73 9.81 6.24
C SER B 125 -38.49 11.11 6.33
N SER B 126 -38.29 11.98 5.34
CA SER B 126 -39.01 13.24 5.26
C SER B 126 -40.39 13.03 4.66
N VAL C 3 -19.44 -34.69 -13.29
CA VAL C 3 -19.78 -35.11 -14.65
C VAL C 3 -21.16 -35.71 -14.68
N GLN C 4 -21.62 -36.07 -15.88
CA GLN C 4 -22.89 -36.76 -16.06
C GLN C 4 -22.91 -37.35 -17.46
N LEU C 5 -23.41 -38.58 -17.56
CA LEU C 5 -23.51 -39.28 -18.84
C LEU C 5 -24.90 -39.92 -18.92
N VAL C 6 -25.86 -39.18 -19.48
CA VAL C 6 -27.21 -39.67 -19.70
C VAL C 6 -27.34 -40.08 -21.15
N GLU C 7 -27.77 -41.33 -21.35
CA GLU C 7 -28.03 -41.88 -22.68
C GLU C 7 -29.50 -42.26 -22.76
N SER C 8 -30.12 -41.93 -23.88
CA SER C 8 -31.55 -42.15 -24.07
C SER C 8 -31.80 -42.38 -25.56
N GLY C 9 -33.08 -42.46 -25.92
CA GLY C 9 -33.46 -42.82 -27.26
C GLY C 9 -33.59 -44.31 -27.49
N GLY C 10 -33.97 -45.05 -26.46
CA GLY C 10 -34.09 -46.49 -26.52
C GLY C 10 -35.53 -46.96 -26.51
N GLY C 11 -35.72 -48.20 -26.06
CA GLY C 11 -37.04 -48.82 -26.07
C GLY C 11 -37.09 -50.06 -26.94
N LEU C 12 -38.12 -50.87 -26.77
CA LEU C 12 -38.27 -52.06 -27.61
C LEU C 12 -38.46 -51.65 -29.05
N VAL C 13 -37.65 -52.22 -29.94
CA VAL C 13 -37.69 -51.90 -31.36
C VAL C 13 -37.82 -53.22 -32.13
N GLN C 14 -38.52 -53.15 -33.25
CA GLN C 14 -38.94 -54.34 -33.99
C GLN C 14 -37.73 -55.05 -34.61
N PRO C 15 -37.90 -56.31 -35.02
CA PRO C 15 -36.79 -57.06 -35.62
C PRO C 15 -36.23 -56.34 -36.84
N GLY C 16 -34.97 -55.94 -36.76
CA GLY C 16 -34.35 -55.17 -37.81
C GLY C 16 -34.71 -53.70 -37.77
N GLY C 17 -35.12 -53.20 -36.61
CA GLY C 17 -35.50 -51.81 -36.49
C GLY C 17 -34.32 -50.86 -36.59
N SER C 18 -34.55 -49.62 -36.17
CA SER C 18 -33.54 -48.59 -36.29
C SER C 18 -33.87 -47.46 -35.32
N LEU C 19 -32.81 -46.82 -34.81
CA LEU C 19 -32.92 -45.68 -33.92
C LEU C 19 -31.58 -44.97 -33.89
N ARG C 20 -31.49 -43.92 -33.09
CA ARG C 20 -30.22 -43.22 -32.87
C ARG C 20 -30.08 -42.96 -31.38
N LEU C 21 -29.21 -43.72 -30.73
CA LEU C 21 -28.98 -43.55 -29.31
C LEU C 21 -28.23 -42.25 -29.06
N SER C 22 -28.75 -41.45 -28.12
CA SER C 22 -28.15 -40.17 -27.78
C SER C 22 -27.52 -40.26 -26.40
N CYS C 23 -26.45 -39.48 -26.20
CA CYS C 23 -25.84 -39.33 -24.89
C CYS C 23 -25.30 -37.91 -24.78
N VAL C 24 -25.48 -37.35 -23.58
CA VAL C 24 -25.11 -35.98 -23.27
C VAL C 24 -23.81 -35.98 -22.48
N ALA C 25 -22.80 -35.28 -22.99
CA ALA C 25 -21.52 -35.15 -22.32
C ALA C 25 -21.48 -33.84 -21.58
N SER C 26 -21.32 -33.91 -20.25
CA SER C 26 -21.27 -32.73 -19.43
C SER C 26 -20.40 -33.01 -18.22
N GLY C 27 -19.41 -32.15 -18.01
CA GLY C 27 -18.43 -32.33 -16.95
C GLY C 27 -17.00 -32.41 -17.44
N PHE C 28 -16.78 -32.59 -18.74
CA PHE C 28 -15.45 -32.64 -19.30
C PHE C 28 -15.52 -32.13 -20.74
N THR C 29 -14.47 -31.47 -21.19
CA THR C 29 -14.48 -30.85 -22.51
C THR C 29 -14.53 -31.94 -23.57
N PHE C 30 -15.68 -32.10 -24.20
CA PHE C 30 -15.93 -33.17 -25.15
C PHE C 30 -15.40 -32.72 -26.52
N SER C 31 -14.14 -32.32 -26.54
CA SER C 31 -13.48 -31.99 -27.79
C SER C 31 -12.06 -32.56 -27.77
N ARG C 32 -11.60 -32.95 -26.59
CA ARG C 32 -10.26 -33.46 -26.42
C ARG C 32 -10.29 -34.74 -25.60
N VAL C 33 -11.48 -35.31 -25.44
CA VAL C 33 -11.65 -36.59 -24.77
C VAL C 33 -12.33 -37.57 -25.71
N GLY C 34 -11.69 -38.70 -25.93
CA GLY C 34 -12.25 -39.78 -26.74
C GLY C 34 -13.18 -40.63 -25.89
N MET C 35 -14.34 -40.93 -26.43
CA MET C 35 -15.37 -41.63 -25.69
C MET C 35 -15.66 -42.97 -26.36
N GLY C 36 -16.69 -43.65 -25.84
CA GLY C 36 -17.04 -44.95 -26.37
C GLY C 36 -18.39 -45.37 -25.86
N TRP C 37 -18.89 -46.45 -26.45
CA TRP C 37 -20.18 -47.03 -26.14
C TRP C 37 -19.99 -48.49 -25.75
N VAL C 38 -20.61 -48.87 -24.63
CA VAL C 38 -20.57 -50.23 -24.12
C VAL C 38 -21.99 -50.62 -23.75
N ARG C 39 -22.23 -51.91 -23.57
CA ARG C 39 -23.54 -52.37 -23.16
C ARG C 39 -23.40 -53.58 -22.26
N GLN C 40 -24.35 -53.71 -21.34
CA GLN C 40 -24.47 -54.91 -20.52
C GLN C 40 -25.91 -55.38 -20.56
N ALA C 41 -26.10 -56.67 -20.75
CA ALA C 41 -27.40 -57.21 -21.10
C ALA C 41 -28.09 -57.83 -19.91
N PRO C 42 -29.42 -57.99 -19.97
CA PRO C 42 -30.13 -58.81 -18.98
C PRO C 42 -29.99 -60.30 -19.29
N GLY C 43 -28.82 -60.84 -18.93
CA GLY C 43 -28.52 -62.22 -19.20
C GLY C 43 -27.09 -62.42 -19.69
N LYS C 44 -26.46 -61.33 -20.12
CA LYS C 44 -25.10 -61.38 -20.63
C LYS C 44 -24.25 -60.35 -19.91
N GLY C 45 -22.95 -60.36 -20.20
CA GLY C 45 -22.02 -59.46 -19.57
C GLY C 45 -21.76 -58.20 -20.38
N LEU C 46 -20.83 -57.40 -19.89
CA LEU C 46 -20.46 -56.16 -20.55
C LEU C 46 -19.64 -56.45 -21.80
N GLU C 47 -19.95 -55.74 -22.88
CA GLU C 47 -19.29 -55.96 -24.16
C GLU C 47 -19.08 -54.61 -24.84
N TRP C 48 -17.84 -54.36 -25.24
CA TRP C 48 -17.52 -53.13 -25.97
C TRP C 48 -18.13 -53.16 -27.36
N VAL C 49 -18.73 -52.04 -27.77
CA VAL C 49 -19.30 -51.94 -29.11
C VAL C 49 -18.65 -50.81 -29.89
N SER C 50 -18.42 -49.65 -29.27
CA SER C 50 -17.95 -48.49 -30.02
C SER C 50 -16.88 -47.72 -29.26
N ASP C 51 -16.03 -47.05 -30.02
CA ASP C 51 -15.00 -46.16 -29.49
C ASP C 51 -14.68 -45.11 -30.54
N ILE C 52 -14.25 -43.93 -30.07
CA ILE C 52 -13.74 -42.91 -30.97
C ILE C 52 -12.91 -41.93 -30.15
N ASN C 53 -11.93 -41.30 -30.81
CA ASN C 53 -11.02 -40.38 -30.16
C ASN C 53 -11.58 -38.97 -30.22
N ALA C 54 -10.74 -38.00 -29.84
CA ALA C 54 -11.11 -36.60 -30.04
C ALA C 54 -11.20 -36.27 -31.52
N SER C 55 -10.10 -36.41 -32.24
CA SER C 55 -10.10 -36.22 -33.68
C SER C 55 -9.77 -37.49 -34.45
N GLY C 56 -9.20 -38.50 -33.82
CA GLY C 56 -8.75 -39.70 -34.51
C GLY C 56 -9.88 -40.54 -35.04
N GLY C 57 -9.53 -41.73 -35.53
CA GLY C 57 -10.49 -42.63 -36.11
C GLY C 57 -11.43 -43.22 -35.08
N THR C 58 -12.07 -44.31 -35.49
CA THR C 58 -13.11 -44.94 -34.69
C THR C 58 -12.71 -46.38 -34.35
N GLY C 59 -13.63 -47.09 -33.72
CA GLY C 59 -13.43 -48.49 -33.41
C GLY C 59 -14.74 -49.19 -33.09
N TYR C 60 -14.91 -50.41 -33.58
CA TYR C 60 -16.13 -51.18 -33.34
C TYR C 60 -15.78 -52.65 -33.21
N ALA C 61 -16.62 -53.37 -32.45
CA ALA C 61 -16.51 -54.82 -32.39
C ALA C 61 -16.84 -55.44 -33.74
N ASP C 62 -16.51 -56.73 -33.89
CA ASP C 62 -16.66 -57.39 -35.18
C ASP C 62 -18.13 -57.57 -35.54
N SER C 63 -19.00 -57.70 -34.54
CA SER C 63 -20.41 -57.98 -34.80
C SER C 63 -21.23 -56.72 -35.00
N VAL C 64 -20.65 -55.54 -34.79
CA VAL C 64 -21.42 -54.31 -34.76
C VAL C 64 -21.08 -53.41 -35.95
N LYS C 65 -20.17 -53.83 -36.81
CA LYS C 65 -19.82 -53.05 -37.98
C LYS C 65 -20.95 -53.08 -39.00
N GLY C 66 -21.33 -51.91 -39.49
CA GLY C 66 -22.41 -51.81 -40.46
C GLY C 66 -23.79 -51.78 -39.86
N ARG C 67 -23.92 -52.10 -38.59
CA ARG C 67 -25.20 -52.01 -37.89
C ARG C 67 -25.27 -50.80 -37.00
N PHE C 68 -24.14 -50.21 -36.64
CA PHE C 68 -24.06 -48.98 -35.88
C PHE C 68 -23.21 -47.97 -36.65
N ALA C 69 -23.13 -46.76 -36.10
CA ALA C 69 -22.36 -45.70 -36.73
C ALA C 69 -22.10 -44.60 -35.71
N ILE C 70 -20.84 -44.19 -35.63
CA ILE C 70 -20.42 -43.16 -34.68
C ILE C 70 -20.87 -41.79 -35.16
N SER C 71 -21.15 -40.90 -34.21
CA SER C 71 -21.46 -39.51 -34.52
C SER C 71 -21.20 -38.66 -33.29
N ARG C 72 -20.07 -37.96 -33.25
CA ARG C 72 -19.72 -37.12 -32.11
C ARG C 72 -20.00 -35.67 -32.48
N ASP C 73 -21.20 -35.19 -32.14
CA ASP C 73 -21.57 -33.79 -32.34
C ASP C 73 -20.87 -32.96 -31.28
N ASN C 74 -19.60 -32.65 -31.58
CA ASN C 74 -18.76 -31.91 -30.64
C ASN C 74 -19.23 -30.49 -30.45
N ALA C 75 -19.83 -29.88 -31.47
CA ALA C 75 -20.31 -28.51 -31.35
C ALA C 75 -21.32 -28.38 -30.21
N LYS C 76 -22.02 -29.47 -29.90
CA LYS C 76 -23.02 -29.47 -28.84
C LYS C 76 -22.60 -30.34 -27.67
N ASN C 77 -21.38 -30.88 -27.69
CA ASN C 77 -20.88 -31.75 -26.62
C ASN C 77 -21.79 -32.95 -26.43
N THR C 78 -22.29 -33.49 -27.55
CA THR C 78 -23.22 -34.60 -27.53
C THR C 78 -22.66 -35.72 -28.39
N LEU C 79 -22.91 -36.96 -28.02
CA LEU C 79 -22.48 -38.11 -28.81
C LEU C 79 -23.69 -38.96 -29.12
N TYR C 80 -23.66 -39.67 -30.25
CA TYR C 80 -24.74 -40.56 -30.63
C TYR C 80 -24.16 -41.83 -31.24
N LEU C 81 -25.05 -42.80 -31.42
CA LEU C 81 -24.72 -44.06 -32.09
C LEU C 81 -25.94 -44.46 -32.91
N GLN C 82 -25.79 -44.48 -34.22
CA GLN C 82 -26.93 -44.74 -35.11
C GLN C 82 -27.12 -46.24 -35.28
N MET C 83 -28.10 -46.81 -34.57
CA MET C 83 -28.39 -48.23 -34.65
C MET C 83 -29.35 -48.48 -35.79
N ASN C 84 -29.05 -49.52 -36.59
CA ASN C 84 -29.86 -49.84 -37.75
C ASN C 84 -29.99 -51.34 -37.90
N ARG C 85 -31.08 -51.77 -38.56
CA ARG C 85 -31.35 -53.15 -38.93
C ARG C 85 -30.88 -54.14 -37.87
N LEU C 86 -31.33 -53.94 -36.63
CA LEU C 86 -30.74 -54.58 -35.46
C LEU C 86 -30.94 -56.09 -35.48
N LYS C 87 -30.30 -56.75 -34.53
CA LYS C 87 -30.36 -58.19 -34.33
C LYS C 87 -30.74 -58.48 -32.89
N PRO C 88 -31.46 -59.58 -32.63
CA PRO C 88 -31.96 -59.87 -31.29
C PRO C 88 -30.87 -60.38 -30.34
N GLU C 89 -29.73 -59.70 -30.32
CA GLU C 89 -28.68 -59.97 -29.35
C GLU C 89 -28.09 -58.70 -28.76
N ASP C 90 -28.41 -57.53 -29.30
CA ASP C 90 -28.03 -56.26 -28.69
C ASP C 90 -28.94 -55.89 -27.52
N THR C 91 -29.86 -56.78 -27.14
CA THR C 91 -30.82 -56.51 -26.08
C THR C 91 -30.05 -56.31 -24.78
N ALA C 92 -29.97 -55.06 -24.33
CA ALA C 92 -29.09 -54.71 -23.22
C ALA C 92 -29.43 -53.31 -22.75
N VAL C 93 -28.73 -52.85 -21.73
CA VAL C 93 -28.71 -51.45 -21.33
C VAL C 93 -27.35 -50.89 -21.72
N TYR C 94 -27.35 -49.70 -22.31
CA TYR C 94 -26.16 -49.13 -22.91
C TYR C 94 -25.51 -48.12 -21.97
N TYR C 95 -24.31 -47.69 -22.35
CA TYR C 95 -23.53 -46.75 -21.57
C TYR C 95 -22.62 -45.96 -22.49
N CYS C 96 -22.77 -44.64 -22.46
CA CYS C 96 -21.92 -43.71 -23.18
C CYS C 96 -20.80 -43.30 -22.24
N ALA C 97 -19.71 -44.06 -22.24
CA ALA C 97 -18.65 -43.90 -21.25
C ALA C 97 -17.40 -43.34 -21.91
N LYS C 98 -16.35 -43.19 -21.11
CA LYS C 98 -15.07 -42.69 -21.59
C LYS C 98 -14.23 -43.84 -22.14
N MET C 99 -13.69 -43.62 -23.35
CA MET C 99 -12.92 -44.67 -24.01
C MET C 99 -11.74 -45.12 -23.15
N MET C 100 -11.19 -44.23 -22.34
CA MET C 100 -10.05 -44.57 -21.51
C MET C 100 -10.43 -45.29 -20.23
N ASP C 101 -11.68 -45.21 -19.81
CA ASP C 101 -12.15 -45.98 -18.66
C ASP C 101 -12.88 -47.25 -19.07
N THR C 102 -13.09 -47.47 -20.38
CA THR C 102 -13.73 -48.68 -20.86
C THR C 102 -13.08 -49.93 -20.30
N ALA C 103 -11.77 -49.90 -20.08
CA ALA C 103 -11.08 -51.07 -19.56
C ALA C 103 -11.57 -51.43 -18.16
N MET C 104 -11.47 -50.48 -17.23
CA MET C 104 -11.85 -50.74 -15.84
C MET C 104 -13.32 -51.13 -15.73
N ILE C 105 -14.10 -50.87 -16.77
CA ILE C 105 -15.51 -51.23 -16.71
C ILE C 105 -15.77 -52.57 -17.38
N GLU C 106 -14.97 -52.93 -18.37
CA GLU C 106 -15.28 -54.08 -19.22
C GLU C 106 -15.35 -55.39 -18.46
N ALA C 107 -14.23 -55.85 -17.92
CA ALA C 107 -14.18 -57.17 -17.30
C ALA C 107 -14.69 -57.16 -15.87
N GLY C 108 -15.89 -56.61 -15.66
CA GLY C 108 -16.49 -56.57 -14.33
C GLY C 108 -15.62 -55.97 -13.25
N ILE C 109 -14.64 -55.14 -13.61
CA ILE C 109 -13.72 -54.59 -12.62
C ILE C 109 -14.43 -53.47 -11.87
N ILE C 110 -14.80 -52.42 -12.58
CA ILE C 110 -15.55 -51.31 -12.01
C ILE C 110 -16.87 -51.19 -12.77
N LYS C 111 -17.80 -50.45 -12.20
CA LYS C 111 -19.13 -50.33 -12.76
C LYS C 111 -19.29 -49.02 -13.51
N PRO C 112 -20.13 -49.00 -14.54
CA PRO C 112 -20.30 -47.78 -15.34
C PRO C 112 -20.75 -46.59 -14.50
N ALA C 113 -20.59 -45.41 -15.06
CA ALA C 113 -21.10 -44.18 -14.47
C ALA C 113 -22.32 -43.64 -15.21
N GLY C 114 -22.77 -44.37 -16.24
CA GLY C 114 -23.92 -43.94 -17.01
C GLY C 114 -25.23 -44.51 -16.48
N GLN C 115 -26.28 -43.70 -16.59
CA GLN C 115 -27.61 -44.09 -16.13
C GLN C 115 -28.28 -45.10 -17.03
N GLY C 116 -27.72 -45.37 -18.21
CA GLY C 116 -28.22 -46.40 -19.09
C GLY C 116 -29.43 -45.96 -19.89
N THR C 117 -29.90 -46.89 -20.74
CA THR C 117 -31.11 -46.71 -21.52
C THR C 117 -31.62 -48.10 -21.91
N GLN C 118 -32.94 -48.21 -22.08
CA GLN C 118 -33.56 -49.50 -22.36
C GLN C 118 -33.44 -49.79 -23.85
N VAL C 119 -32.47 -50.62 -24.21
CA VAL C 119 -32.28 -51.06 -25.59
C VAL C 119 -32.67 -52.52 -25.67
N THR C 120 -33.89 -52.78 -26.15
CA THR C 120 -34.39 -54.13 -26.32
C THR C 120 -34.94 -54.27 -27.73
N VAL C 121 -34.63 -55.40 -28.37
CA VAL C 121 -35.08 -55.70 -29.72
C VAL C 121 -35.72 -57.08 -29.71
N SER C 122 -36.78 -57.23 -30.49
CA SER C 122 -37.48 -58.51 -30.58
C SER C 122 -36.56 -59.56 -31.17
#